data_1AOZ
#
_entry.id   1AOZ
#
_cell.length_a   106.700
_cell.length_b   105.100
_cell.length_c   113.500
_cell.angle_alpha   90.00
_cell.angle_beta   90.00
_cell.angle_gamma   90.00
#
_symmetry.space_group_name_H-M   'P 21 21 2'
#
loop_
_entity.id
_entity.type
_entity.pdbx_description
1 polymer 'ASCORBATE OXIDASE'
2 non-polymer 2-acetamido-2-deoxy-beta-D-glucopyranose
3 non-polymer 'COPPER (II) ION'
4 non-polymer 'CU-O-CU LINKAGE'
5 non-polymer 'CU-O LINKAGE'
6 water water
#
_entity_poly.entity_id   1
_entity_poly.type   'polypeptide(L)'
_entity_poly.pdbx_seq_one_letter_code
;SQIRHYKWEVEYMFWAPNCNENIVMGINGQFPGPTIRANAGDSVVVELTNKLHTEGVVIHWHGILQRGTPWADGTASISQ
CAINPGETFFYNFTVDNPGTFFYHGHLGMQRSAGLYGSLIVDPPQGKKEPFHYDGEINLLLSDWWHQSIHKQEVGLSSKP
IRWIGEPQTILLNGRGQFDCSIAAKYDSNLEPCKLKGSESCAPYIFHVSPKKTYRIRIASTTALAALNFAIGNHQLLVVE
ADGNYVQPFYTSDIDIYSGESYSVLITTDQNPSENYWVSVGTRARHPNTPPGLTLLNYLPNSVSKLPTSPPPQTPAWDDF
DRSKNFTYRITAAMGSPKPPVKFNRRIFLLNTQNVINGYVKWAINDVSLALPPTPYLGAMKYNLLHAFDQNPPPEVFPED
YDIDTPPTNEKTRIGNGVYQFKIGEVVDVILQNANMMKENLSETHPWHLHGHDFWVLGYGDGKFSAEEESSLNLKNPPLR
NTVVIFPYGWTAIRFVADNPGVWAFHCHIEPHLHMGMGVVFAEGVEKVGRIPTKALACGGTAKSLINNPKNP
;
_entity_poly.pdbx_strand_id   A,B
#
loop_
_chem_comp.id
_chem_comp.type
_chem_comp.name
_chem_comp.formula
C1O non-polymer 'CU-O LINKAGE' 'Cu O'
C2O non-polymer 'CU-O-CU LINKAGE' 'Cu2 O'
CU non-polymer 'COPPER (II) ION' 'Cu 2'
NAG D-saccharide, beta linking 2-acetamido-2-deoxy-beta-D-glucopyranose 'C8 H15 N O6'
#
# COMPACT_ATOMS: atom_id res chain seq x y z
N SER A 1 -29.89 42.96 3.25
CA SER A 1 -28.63 42.37 2.86
C SER A 1 -27.68 43.13 3.75
N GLN A 2 -26.63 42.48 4.22
CA GLN A 2 -25.67 43.08 5.12
C GLN A 2 -24.37 43.16 4.34
N ILE A 3 -23.42 43.92 4.83
CA ILE A 3 -22.05 43.88 4.35
C ILE A 3 -21.31 43.09 5.43
N ARG A 4 -20.64 42.01 5.03
CA ARG A 4 -19.88 41.15 5.91
C ARG A 4 -18.40 41.48 5.65
N HIS A 5 -17.69 42.07 6.62
CA HIS A 5 -16.32 42.54 6.43
C HIS A 5 -15.38 41.70 7.27
N TYR A 6 -14.31 41.23 6.62
CA TYR A 6 -13.31 40.40 7.25
C TYR A 6 -12.01 41.14 7.04
N LYS A 7 -11.09 40.94 7.96
CA LYS A 7 -9.81 41.61 7.89
C LYS A 7 -8.87 40.48 8.26
N TRP A 8 -8.03 40.05 7.31
CA TRP A 8 -7.24 38.84 7.43
C TRP A 8 -5.79 39.03 7.03
N GLU A 9 -4.85 38.35 7.71
CA GLU A 9 -3.43 38.38 7.32
C GLU A 9 -2.96 36.98 6.98
N VAL A 10 -2.31 36.73 5.83
CA VAL A 10 -1.80 35.40 5.51
C VAL A 10 -0.36 35.39 5.96
N GLU A 11 -0.03 34.37 6.73
CA GLU A 11 1.28 34.22 7.31
C GLU A 11 1.50 32.74 7.58
N TYR A 12 2.73 32.29 7.39
CA TYR A 12 3.10 30.93 7.74
C TYR A 12 3.33 30.91 9.23
N MET A 13 3.24 29.68 9.74
CA MET A 13 3.34 29.40 11.15
C MET A 13 3.70 27.94 11.37
N PHE A 14 4.17 27.54 12.54
CA PHE A 14 4.42 26.13 12.78
C PHE A 14 3.10 25.58 13.28
N TRP A 15 2.77 24.40 12.80
CA TRP A 15 1.56 23.73 13.19
C TRP A 15 1.77 22.24 12.95
N ALA A 16 0.94 21.43 13.59
CA ALA A 16 1.04 19.98 13.52
C ALA A 16 -0.35 19.41 13.30
N PRO A 17 -0.82 19.38 12.04
CA PRO A 17 -2.15 18.90 11.66
C PRO A 17 -2.43 17.47 12.05
N ASN A 18 -1.36 16.68 11.96
CA ASN A 18 -1.39 15.28 12.33
C ASN A 18 -0.41 14.96 13.43
N CYS A 19 -0.26 15.95 14.33
CA CYS A 19 0.67 15.92 15.46
C CYS A 19 2.16 15.78 15.13
N ASN A 20 2.50 16.11 13.89
CA ASN A 20 3.87 16.06 13.42
C ASN A 20 4.03 17.48 12.92
N GLU A 21 4.93 18.27 13.51
CA GLU A 21 5.15 19.68 13.18
C GLU A 21 5.83 19.95 11.86
N ASN A 22 5.21 20.90 11.17
CA ASN A 22 5.64 21.36 9.87
C ASN A 22 5.26 22.85 9.82
N ILE A 23 5.37 23.58 8.71
CA ILE A 23 4.80 24.90 8.67
C ILE A 23 3.52 24.81 7.85
N VAL A 24 2.51 25.57 8.23
CA VAL A 24 1.22 25.57 7.55
C VAL A 24 0.96 27.01 7.12
N MET A 25 0.14 27.30 6.09
CA MET A 25 -0.13 28.70 5.75
C MET A 25 -1.39 29.07 6.52
N GLY A 26 -1.27 29.90 7.56
CA GLY A 26 -2.39 30.33 8.38
C GLY A 26 -3.01 31.68 8.03
N ILE A 27 -4.27 31.86 8.43
CA ILE A 27 -4.95 33.13 8.29
C ILE A 27 -5.34 33.54 9.70
N ASN A 28 -4.83 34.70 10.10
CA ASN A 28 -5.03 35.25 11.44
C ASN A 28 -4.66 34.23 12.51
N GLY A 29 -3.59 33.48 12.28
CA GLY A 29 -3.11 32.45 13.18
C GLY A 29 -3.93 31.16 13.20
N GLN A 30 -4.90 30.99 12.31
CA GLN A 30 -5.77 29.83 12.31
C GLN A 30 -5.37 28.91 11.18
N PHE A 31 -5.49 27.62 11.44
CA PHE A 31 -5.37 26.62 10.39
C PHE A 31 -6.48 25.65 10.74
N PRO A 32 -7.47 25.30 9.89
CA PRO A 32 -7.88 26.01 8.65
C PRO A 32 -8.29 27.46 8.91
N GLY A 33 -8.43 28.27 7.86
CA GLY A 33 -8.78 29.67 7.97
C GLY A 33 -10.17 29.89 8.54
N PRO A 34 -10.56 31.13 8.86
CA PRO A 34 -11.86 31.44 9.43
C PRO A 34 -13.02 31.16 8.46
N THR A 35 -14.19 30.82 8.97
CA THR A 35 -15.33 30.60 8.12
C THR A 35 -15.96 31.94 7.82
N ILE A 36 -16.30 32.14 6.56
CA ILE A 36 -17.07 33.27 6.09
C ILE A 36 -18.46 32.69 6.00
N ARG A 37 -19.48 33.29 6.62
CA ARG A 37 -20.84 32.86 6.44
C ARG A 37 -21.66 34.08 6.09
N ALA A 38 -22.56 33.95 5.13
CA ALA A 38 -23.34 35.11 4.73
C ALA A 38 -24.71 34.62 4.32
N ASN A 39 -25.60 35.54 3.93
CA ASN A 39 -26.95 35.20 3.50
C ASN A 39 -26.90 35.61 2.05
N ALA A 40 -27.65 34.92 1.19
CA ALA A 40 -27.69 35.26 -0.22
C ALA A 40 -28.32 36.63 -0.31
N GLY A 41 -27.54 37.44 -1.03
CA GLY A 41 -27.86 38.82 -1.23
C GLY A 41 -26.80 39.73 -0.63
N ASP A 42 -25.92 39.26 0.27
CA ASP A 42 -24.97 40.11 0.98
C ASP A 42 -23.69 40.43 0.21
N SER A 43 -23.02 41.49 0.60
CA SER A 43 -21.74 41.84 0.04
C SER A 43 -20.74 41.30 1.02
N VAL A 44 -19.66 40.68 0.55
CA VAL A 44 -18.59 40.21 1.40
C VAL A 44 -17.42 41.11 1.04
N VAL A 45 -16.70 41.59 2.06
CA VAL A 45 -15.55 42.47 1.88
C VAL A 45 -14.45 41.81 2.70
N VAL A 46 -13.36 41.41 2.08
CA VAL A 46 -12.25 40.77 2.76
C VAL A 46 -11.08 41.71 2.55
N GLU A 47 -10.46 42.38 3.52
CA GLU A 47 -9.21 43.06 3.21
C GLU A 47 -8.16 42.12 3.77
N LEU A 48 -7.27 41.82 2.85
CA LEU A 48 -6.25 40.84 3.08
C LEU A 48 -4.89 41.47 2.97
N THR A 49 -4.15 41.36 4.05
CA THR A 49 -2.79 41.78 4.08
C THR A 49 -1.88 40.55 3.93
N ASN A 50 -0.89 40.68 3.05
CA ASN A 50 0.05 39.59 2.81
C ASN A 50 1.24 39.71 3.75
N LYS A 51 1.48 38.75 4.65
CA LYS A 51 2.64 38.77 5.53
C LYS A 51 3.53 37.52 5.39
N LEU A 52 3.62 37.08 4.14
CA LEU A 52 4.61 36.09 3.80
C LEU A 52 5.78 37.01 3.43
N HIS A 53 6.98 36.56 3.70
CA HIS A 53 8.14 37.38 3.53
C HIS A 53 8.60 37.66 2.11
N THR A 54 8.62 36.68 1.19
CA THR A 54 9.10 36.88 -0.19
C THR A 54 8.10 36.51 -1.27
N GLU A 55 6.97 35.96 -0.83
CA GLU A 55 5.92 35.41 -1.66
C GLU A 55 4.67 36.22 -1.85
N GLY A 56 4.23 36.18 -3.11
CA GLY A 56 2.93 36.75 -3.41
C GLY A 56 1.85 35.77 -2.95
N VAL A 57 0.59 36.15 -2.96
CA VAL A 57 -0.47 35.25 -2.52
C VAL A 57 -1.74 35.78 -3.13
N VAL A 58 -2.75 34.94 -3.25
CA VAL A 58 -4.07 35.33 -3.72
C VAL A 58 -5.04 34.35 -3.10
N ILE A 59 -6.31 34.72 -2.94
CA ILE A 59 -7.30 33.77 -2.39
C ILE A 59 -8.46 33.76 -3.36
N HIS A 60 -8.82 32.55 -3.79
CA HIS A 60 -9.91 32.29 -4.73
C HIS A 60 -11.09 31.76 -3.93
N TRP A 61 -12.29 32.20 -4.29
CA TRP A 61 -13.52 31.86 -3.60
C TRP A 61 -14.15 30.82 -4.52
N HIS A 62 -13.97 29.53 -4.19
CA HIS A 62 -14.40 28.46 -5.06
C HIS A 62 -15.90 28.34 -5.02
N GLY A 63 -16.49 28.63 -6.16
CA GLY A 63 -17.91 28.46 -6.38
C GLY A 63 -18.62 29.81 -6.45
N ILE A 64 -17.99 30.95 -6.16
CA ILE A 64 -18.68 32.22 -6.19
C ILE A 64 -18.49 32.70 -7.60
N LEU A 65 -19.58 33.17 -8.19
CA LEU A 65 -19.62 33.50 -9.59
C LEU A 65 -18.90 34.75 -10.03
N GLN A 66 -18.63 35.68 -9.11
CA GLN A 66 -17.92 36.92 -9.36
C GLN A 66 -18.50 37.81 -10.47
N ARG A 67 -19.81 37.72 -10.59
CA ARG A 67 -20.61 38.45 -11.54
C ARG A 67 -20.50 39.95 -11.31
N GLY A 68 -19.85 40.68 -12.21
CA GLY A 68 -19.66 42.11 -12.09
C GLY A 68 -18.36 42.40 -11.36
N THR A 69 -17.69 41.42 -10.74
CA THR A 69 -16.43 41.64 -10.06
C THR A 69 -15.40 40.59 -10.55
N PRO A 70 -15.02 40.44 -11.84
CA PRO A 70 -14.05 39.43 -12.31
C PRO A 70 -12.63 39.57 -11.78
N TRP A 71 -12.25 40.78 -11.39
CA TRP A 71 -11.01 41.09 -10.71
C TRP A 71 -10.92 40.49 -9.30
N ALA A 72 -11.99 39.94 -8.72
CA ALA A 72 -11.94 39.44 -7.37
C ALA A 72 -11.97 37.93 -7.34
N ASP A 73 -11.69 37.31 -8.48
CA ASP A 73 -11.75 35.87 -8.54
C ASP A 73 -10.60 35.22 -7.79
N GLY A 74 -9.45 35.86 -7.67
CA GLY A 74 -8.35 35.36 -6.89
C GLY A 74 -7.44 34.39 -7.62
N THR A 75 -7.26 34.51 -8.92
CA THR A 75 -6.42 33.55 -9.65
C THR A 75 -5.25 34.31 -10.23
N ALA A 76 -4.06 34.04 -9.72
CA ALA A 76 -2.87 34.74 -10.15
C ALA A 76 -2.67 34.54 -11.65
N SER A 77 -2.32 35.63 -12.33
CA SER A 77 -2.08 35.67 -13.76
C SER A 77 -3.33 35.50 -14.62
N ILE A 78 -4.51 35.28 -14.04
CA ILE A 78 -5.69 35.32 -14.89
C ILE A 78 -6.50 36.54 -14.44
N SER A 79 -7.07 36.64 -13.22
CA SER A 79 -7.84 37.83 -12.85
C SER A 79 -7.00 38.97 -12.32
N GLN A 80 -5.89 38.65 -11.64
CA GLN A 80 -5.07 39.67 -11.05
C GLN A 80 -3.59 39.29 -11.07
N CYS A 81 -2.82 40.34 -10.79
CA CYS A 81 -1.42 40.23 -10.41
C CYS A 81 -1.50 39.80 -8.95
N ALA A 82 -0.56 38.96 -8.48
CA ALA A 82 -0.52 38.55 -7.08
C ALA A 82 -0.26 39.79 -6.23
N ILE A 83 -0.60 39.65 -4.95
CA ILE A 83 -0.46 40.69 -3.93
C ILE A 83 0.94 40.51 -3.37
N ASN A 84 1.72 41.59 -3.38
CA ASN A 84 3.09 41.55 -2.88
C ASN A 84 3.18 41.50 -1.35
N PRO A 85 4.24 40.97 -0.72
CA PRO A 85 4.44 41.04 0.74
C PRO A 85 4.29 42.46 1.32
N GLY A 86 3.54 42.51 2.42
CA GLY A 86 3.27 43.73 3.13
C GLY A 86 2.17 44.57 2.53
N GLU A 87 1.48 44.10 1.48
CA GLU A 87 0.42 44.88 0.86
C GLU A 87 -0.97 44.33 1.17
N THR A 88 -1.98 45.17 0.94
CA THR A 88 -3.35 44.89 1.32
C THR A 88 -4.27 45.05 0.10
N PHE A 89 -5.03 44.02 -0.22
CA PHE A 89 -5.93 44.01 -1.36
C PHE A 89 -7.32 43.78 -0.79
N PHE A 90 -8.30 44.41 -1.41
CA PHE A 90 -9.68 44.28 -1.03
C PHE A 90 -10.45 43.36 -1.96
N TYR A 91 -11.08 42.30 -1.48
CA TYR A 91 -11.89 41.46 -2.36
C TYR A 91 -13.31 41.79 -1.99
N ASN A 92 -14.06 42.42 -2.87
CA ASN A 92 -15.45 42.78 -2.54
C ASN A 92 -16.30 42.13 -3.61
N PHE A 93 -17.20 41.24 -3.22
CA PHE A 93 -18.03 40.53 -4.17
C PHE A 93 -19.36 40.24 -3.53
N THR A 94 -20.38 39.80 -4.26
CA THR A 94 -21.67 39.49 -3.67
C THR A 94 -21.86 37.97 -3.63
N VAL A 95 -22.61 37.43 -2.67
CA VAL A 95 -22.93 36.01 -2.67
C VAL A 95 -24.39 35.96 -3.11
N ASP A 96 -24.65 35.27 -4.21
CA ASP A 96 -25.97 35.24 -4.84
C ASP A 96 -26.93 34.14 -4.45
N ASN A 97 -26.39 32.97 -4.13
CA ASN A 97 -27.23 31.82 -3.85
C ASN A 97 -26.62 30.99 -2.75
N PRO A 98 -27.45 30.33 -1.95
CA PRO A 98 -27.03 29.49 -0.84
C PRO A 98 -26.33 28.21 -1.23
N GLY A 99 -25.52 27.67 -0.35
CA GLY A 99 -24.84 26.42 -0.59
C GLY A 99 -23.56 26.40 0.18
N THR A 100 -22.92 25.22 0.17
CA THR A 100 -21.66 24.97 0.82
C THR A 100 -20.57 25.29 -0.18
N PHE A 101 -19.73 26.26 0.12
CA PHE A 101 -18.61 26.63 -0.72
C PHE A 101 -17.37 26.66 0.16
N PHE A 102 -16.21 27.08 -0.33
CA PHE A 102 -15.00 27.16 0.44
C PHE A 102 -14.04 28.10 -0.27
N TYR A 103 -12.89 28.41 0.29
CA TYR A 103 -11.96 29.31 -0.37
C TYR A 103 -10.61 28.65 -0.31
N HIS A 104 -9.69 28.99 -1.19
CA HIS A 104 -8.39 28.32 -1.22
C HIS A 104 -7.36 29.15 -1.95
N GLY A 105 -6.07 28.88 -1.73
CA GLY A 105 -5.02 29.57 -2.47
C GLY A 105 -5.05 29.23 -3.97
N HIS A 106 -4.80 30.18 -4.90
CA HIS A 106 -4.65 29.91 -6.32
C HIS A 106 -3.41 30.58 -6.95
N LEU A 107 -2.24 30.43 -6.33
CA LEU A 107 -0.95 30.85 -6.88
C LEU A 107 -0.03 29.72 -6.46
N GLY A 108 0.62 29.07 -7.42
CA GLY A 108 1.47 27.90 -7.18
C GLY A 108 0.67 26.77 -6.51
N MET A 109 1.35 26.02 -5.67
CA MET A 109 0.72 25.00 -4.87
C MET A 109 0.53 25.52 -3.45
N GLN A 110 0.24 26.82 -3.29
CA GLN A 110 -0.04 27.39 -1.97
C GLN A 110 -1.23 26.74 -1.26
N ARG A 111 -2.29 26.28 -1.97
CA ARG A 111 -3.42 25.66 -1.32
C ARG A 111 -3.01 24.33 -0.67
N SER A 112 -2.11 23.48 -1.20
CA SER A 112 -1.70 22.27 -0.49
C SER A 112 -0.99 22.58 0.83
N ALA A 113 -0.43 23.78 0.99
CA ALA A 113 0.25 24.12 2.22
C ALA A 113 -0.72 24.61 3.28
N GLY A 114 -2.03 24.53 3.08
CA GLY A 114 -2.96 24.88 4.13
C GLY A 114 -3.80 26.11 3.87
N LEU A 115 -3.63 26.89 2.81
CA LEU A 115 -4.45 28.07 2.67
C LEU A 115 -5.83 27.72 2.12
N TYR A 116 -6.75 27.36 3.01
CA TYR A 116 -8.13 27.07 2.61
C TYR A 116 -9.03 27.22 3.83
N GLY A 117 -10.34 27.28 3.62
CA GLY A 117 -11.28 27.47 4.70
C GLY A 117 -12.71 27.40 4.16
N SER A 118 -13.78 27.49 4.98
CA SER A 118 -15.15 27.40 4.48
C SER A 118 -15.81 28.76 4.29
N LEU A 119 -16.74 28.80 3.35
CA LEU A 119 -17.49 29.98 3.00
C LEU A 119 -18.88 29.38 2.85
N ILE A 120 -19.84 29.70 3.71
CA ILE A 120 -21.14 29.06 3.63
C ILE A 120 -22.15 30.14 3.41
N VAL A 121 -23.13 29.92 2.55
CA VAL A 121 -24.14 30.94 2.31
C VAL A 121 -25.50 30.35 2.61
N ASP A 122 -26.29 31.12 3.34
CA ASP A 122 -27.64 30.72 3.75
C ASP A 122 -28.66 31.35 2.83
N PRO A 123 -29.93 30.93 2.82
CA PRO A 123 -31.02 31.64 2.18
C PRO A 123 -31.07 33.12 2.52
N PRO A 124 -31.71 33.94 1.69
CA PRO A 124 -32.06 35.30 2.03
C PRO A 124 -32.75 35.31 3.37
N GLN A 125 -32.48 36.40 4.06
CA GLN A 125 -33.02 36.66 5.37
C GLN A 125 -34.55 36.58 5.28
N GLY A 126 -35.13 35.70 6.07
CA GLY A 126 -36.57 35.53 6.09
C GLY A 126 -36.99 34.27 5.34
N LYS A 127 -36.26 33.91 4.27
CA LYS A 127 -36.57 32.72 3.52
C LYS A 127 -35.93 31.55 4.27
N LYS A 128 -36.35 30.35 3.91
CA LYS A 128 -35.88 29.15 4.56
C LYS A 128 -35.51 28.14 3.51
N GLU A 129 -34.82 27.12 4.01
CA GLU A 129 -34.33 26.02 3.20
C GLU A 129 -35.48 25.13 2.76
N PRO A 130 -35.53 24.48 1.60
CA PRO A 130 -36.59 23.52 1.27
C PRO A 130 -36.71 22.31 2.18
N PHE A 131 -35.71 22.02 3.00
CA PHE A 131 -35.71 20.85 3.86
C PHE A 131 -35.45 21.27 5.30
N HIS A 132 -36.04 20.50 6.22
CA HIS A 132 -35.89 20.81 7.63
C HIS A 132 -34.78 20.00 8.30
N TYR A 133 -34.04 20.68 9.18
CA TYR A 133 -33.05 20.03 10.01
C TYR A 133 -32.96 20.81 11.30
N ASP A 134 -32.44 20.13 12.30
CA ASP A 134 -32.27 20.68 13.62
C ASP A 134 -30.91 21.25 13.85
N GLY A 135 -29.88 20.60 13.34
CA GLY A 135 -28.54 21.06 13.58
C GLY A 135 -27.77 20.96 12.30
N GLU A 136 -26.55 21.43 12.37
CA GLU A 136 -25.70 21.45 11.21
C GLU A 136 -24.33 21.02 11.63
N ILE A 137 -23.60 20.29 10.78
CA ILE A 137 -22.22 19.92 11.07
C ILE A 137 -21.46 20.34 9.82
N ASN A 138 -20.37 21.10 9.91
CA ASN A 138 -19.63 21.50 8.74
C ASN A 138 -18.31 20.75 8.64
N LEU A 139 -17.92 20.25 7.46
CA LEU A 139 -16.72 19.48 7.32
C LEU A 139 -15.93 19.80 6.06
N LEU A 140 -14.65 20.15 6.22
CA LEU A 140 -13.77 20.42 5.10
C LEU A 140 -12.72 19.31 5.08
N LEU A 141 -12.60 18.62 3.94
CA LEU A 141 -11.69 17.49 3.75
C LEU A 141 -10.49 17.98 2.95
N SER A 142 -9.28 17.55 3.29
CA SER A 142 -8.08 17.92 2.57
C SER A 142 -7.06 16.82 2.80
N ASP A 143 -5.83 16.91 2.30
CA ASP A 143 -4.86 15.85 2.50
C ASP A 143 -3.55 16.52 2.85
N TRP A 144 -2.62 15.79 3.44
CA TRP A 144 -1.44 16.44 3.97
C TRP A 144 -0.20 15.68 3.61
N TRP A 145 0.82 16.38 3.19
CA TRP A 145 2.09 15.77 2.95
C TRP A 145 3.04 16.26 4.02
N HIS A 146 4.02 15.46 4.40
CA HIS A 146 5.00 15.92 5.37
C HIS A 146 6.12 16.67 4.65
N GLN A 147 6.18 16.60 3.32
CA GLN A 147 7.26 17.24 2.58
C GLN A 147 6.87 18.69 2.31
N SER A 148 7.88 19.58 2.28
CA SER A 148 7.69 20.95 1.88
C SER A 148 7.02 21.10 0.53
N ILE A 149 6.11 22.08 0.42
CA ILE A 149 5.47 22.37 -0.85
C ILE A 149 6.51 23.07 -1.73
N HIS A 150 7.56 23.67 -1.18
CA HIS A 150 8.48 24.33 -2.09
C HIS A 150 9.33 23.22 -2.71
N LYS A 151 9.61 22.12 -2.00
CA LYS A 151 10.32 21.00 -2.64
C LYS A 151 9.37 20.20 -3.54
N GLN A 152 8.08 20.01 -3.20
CA GLN A 152 7.13 19.37 -4.12
C GLN A 152 7.05 20.12 -5.45
N GLU A 153 6.96 21.46 -5.38
CA GLU A 153 6.89 22.26 -6.58
C GLU A 153 8.14 22.06 -7.44
N VAL A 154 9.33 22.03 -6.84
CA VAL A 154 10.57 21.86 -7.58
C VAL A 154 10.63 20.46 -8.18
N GLY A 155 10.36 19.41 -7.41
CA GLY A 155 10.39 18.04 -7.90
C GLY A 155 9.45 17.78 -9.06
N LEU A 156 8.28 18.40 -9.10
CA LEU A 156 7.36 18.27 -10.22
C LEU A 156 7.87 19.02 -11.44
N SER A 157 8.86 19.89 -11.30
CA SER A 157 9.40 20.62 -12.44
C SER A 157 10.84 20.20 -12.83
N SER A 158 11.25 19.02 -12.41
CA SER A 158 12.58 18.50 -12.66
C SER A 158 12.58 17.41 -13.72
N LYS A 159 13.70 17.11 -14.37
CA LYS A 159 13.79 15.94 -15.25
C LYS A 159 14.81 15.10 -14.51
N PRO A 160 14.65 13.81 -14.19
CA PRO A 160 13.36 13.13 -14.06
C PRO A 160 12.46 13.81 -13.03
N ILE A 161 11.16 13.73 -13.33
CA ILE A 161 10.15 14.27 -12.47
C ILE A 161 10.24 13.48 -11.17
N ARG A 162 9.91 14.12 -10.06
CA ARG A 162 9.85 13.44 -8.79
C ARG A 162 8.40 13.63 -8.39
N TRP A 163 7.54 12.61 -8.51
CA TRP A 163 6.15 12.74 -8.12
C TRP A 163 5.97 12.87 -6.61
N ILE A 164 4.90 13.59 -6.20
CA ILE A 164 4.65 13.86 -4.79
C ILE A 164 4.26 12.63 -4.00
N GLY A 165 3.78 11.56 -4.62
CA GLY A 165 3.42 10.36 -3.89
C GLY A 165 2.05 10.58 -3.28
N GLU A 166 1.48 9.50 -2.76
CA GLU A 166 0.21 9.56 -2.05
C GLU A 166 0.42 10.34 -0.75
N PRO A 167 -0.55 11.11 -0.26
CA PRO A 167 -0.42 11.89 0.96
C PRO A 167 -0.24 11.00 2.17
N GLN A 168 0.27 11.61 3.24
CA GLN A 168 0.54 10.88 4.46
C GLN A 168 -0.71 10.75 5.32
N THR A 169 -1.57 11.77 5.24
CA THR A 169 -2.74 11.88 6.10
C THR A 169 -3.94 12.49 5.39
N ILE A 170 -5.14 11.99 5.72
CA ILE A 170 -6.35 12.65 5.27
C ILE A 170 -6.74 13.53 6.48
N LEU A 171 -7.11 14.77 6.19
CA LEU A 171 -7.41 15.77 7.21
C LEU A 171 -8.90 16.05 7.27
N LEU A 172 -9.54 15.92 8.43
CA LEU A 172 -10.97 16.22 8.60
C LEU A 172 -11.02 17.48 9.46
N ASN A 173 -11.52 18.60 8.92
CA ASN A 173 -11.46 19.91 9.58
C ASN A 173 -10.05 20.26 10.09
N GLY A 174 -9.07 19.96 9.25
CA GLY A 174 -7.66 20.25 9.49
C GLY A 174 -6.95 19.29 10.42
N ARG A 175 -7.56 18.18 10.83
CA ARG A 175 -6.95 17.25 11.78
C ARG A 175 -6.86 15.83 11.26
N GLY A 176 -5.85 15.10 11.67
CA GLY A 176 -5.66 13.74 11.23
C GLY A 176 -4.58 13.06 12.04
N GLN A 177 -4.41 11.76 11.85
CA GLN A 177 -3.46 11.03 12.66
C GLN A 177 -2.59 10.22 11.75
N PHE A 178 -1.28 10.34 12.02
CA PHE A 178 -0.23 9.68 11.28
C PHE A 178 0.40 8.62 12.16
N ASP A 179 0.67 7.44 11.62
CA ASP A 179 1.33 6.37 12.35
C ASP A 179 0.65 5.73 13.56
N CYS A 180 -0.63 6.01 13.79
CA CYS A 180 -1.36 5.36 14.84
C CYS A 180 -2.80 5.45 14.42
N SER A 181 -3.70 4.66 14.97
CA SER A 181 -5.07 4.74 14.55
C SER A 181 -5.93 4.88 15.78
N ILE A 182 -6.94 5.73 15.70
CA ILE A 182 -7.87 5.87 16.81
C ILE A 182 -8.82 4.67 16.83
N ALA A 183 -8.80 3.80 15.80
CA ALA A 183 -9.61 2.62 15.76
C ALA A 183 -8.72 1.37 15.84
N ALA A 184 -7.59 1.46 16.53
CA ALA A 184 -6.68 0.33 16.68
C ALA A 184 -7.20 -0.81 17.55
N LYS A 185 -8.35 -0.73 18.22
CA LYS A 185 -8.77 -1.84 19.07
C LYS A 185 -9.33 -3.02 18.32
N TYR A 186 -9.57 -2.84 17.02
CA TYR A 186 -10.14 -3.88 16.17
C TYR A 186 -9.03 -4.57 15.39
N ASP A 187 -7.77 -4.15 15.50
CA ASP A 187 -6.73 -4.81 14.75
C ASP A 187 -5.38 -4.64 15.42
N SER A 188 -4.82 -5.69 16.03
CA SER A 188 -3.54 -5.69 16.74
C SER A 188 -2.33 -5.21 15.97
N ASN A 189 -2.45 -5.06 14.66
CA ASN A 189 -1.34 -4.56 13.86
C ASN A 189 -1.21 -3.05 13.84
N LEU A 190 -2.27 -2.41 14.36
CA LEU A 190 -2.36 -0.98 14.41
C LEU A 190 -1.86 -0.52 15.77
N GLU A 191 -1.26 0.64 15.69
CA GLU A 191 -0.66 1.27 16.82
C GLU A 191 -1.69 2.19 17.45
N PRO A 192 -2.01 2.08 18.74
CA PRO A 192 -2.89 3.01 19.43
C PRO A 192 -2.35 4.43 19.56
N CYS A 193 -3.14 5.46 19.29
CA CYS A 193 -2.69 6.83 19.47
C CYS A 193 -2.91 7.18 20.94
N LYS A 194 -2.00 7.90 21.56
CA LYS A 194 -2.24 8.37 22.90
C LYS A 194 -2.66 9.81 22.65
N LEU A 195 -3.86 10.18 23.07
CA LEU A 195 -4.42 11.49 22.81
C LEU A 195 -5.48 11.77 23.84
N LYS A 196 -5.35 12.83 24.64
CA LYS A 196 -6.40 13.21 25.56
C LYS A 196 -7.50 14.00 24.84
N GLY A 197 -7.32 14.37 23.58
CA GLY A 197 -8.36 15.10 22.86
C GLY A 197 -8.15 16.60 22.84
N SER A 198 -7.05 17.04 23.41
CA SER A 198 -6.75 18.46 23.50
C SER A 198 -5.70 18.91 22.50
N GLU A 199 -5.19 17.93 21.76
CA GLU A 199 -4.10 18.11 20.83
C GLU A 199 -4.64 18.64 19.52
N SER A 200 -3.74 19.21 18.70
CA SER A 200 -4.06 19.76 17.40
C SER A 200 -4.52 18.69 16.44
N CYS A 201 -4.09 17.43 16.65
CA CYS A 201 -4.50 16.35 15.77
C CYS A 201 -5.62 15.51 16.33
N ALA A 202 -6.16 15.90 17.47
CA ALA A 202 -7.26 15.17 18.07
C ALA A 202 -8.50 15.30 17.17
N PRO A 203 -9.27 14.23 16.89
CA PRO A 203 -10.43 14.26 16.00
C PRO A 203 -11.43 15.34 16.35
N TYR A 204 -12.06 15.94 15.35
CA TYR A 204 -13.15 16.89 15.55
C TYR A 204 -14.35 15.98 15.66
N ILE A 205 -14.88 15.78 16.87
CA ILE A 205 -16.04 14.90 17.07
C ILE A 205 -17.36 15.59 16.74
N PHE A 206 -18.21 14.87 16.00
CA PHE A 206 -19.55 15.31 15.66
C PHE A 206 -20.41 14.93 16.86
N HIS A 207 -21.12 15.85 17.51
CA HIS A 207 -21.94 15.53 18.65
C HIS A 207 -23.36 15.65 18.14
N VAL A 208 -24.18 14.64 18.37
CA VAL A 208 -25.57 14.70 17.97
C VAL A 208 -26.42 14.24 19.13
N SER A 209 -27.63 14.76 19.20
CA SER A 209 -28.59 14.28 20.16
C SER A 209 -29.45 13.27 19.44
N PRO A 210 -29.99 12.26 20.12
CA PRO A 210 -31.03 11.36 19.63
C PRO A 210 -32.26 11.98 18.99
N LYS A 211 -32.83 11.21 18.07
CA LYS A 211 -34.07 11.52 17.37
C LYS A 211 -34.15 12.88 16.70
N LYS A 212 -33.01 13.39 16.25
CA LYS A 212 -32.94 14.65 15.54
C LYS A 212 -32.49 14.45 14.08
N THR A 213 -32.62 15.45 13.21
CA THR A 213 -32.13 15.42 11.84
C THR A 213 -31.00 16.45 11.67
N TYR A 214 -29.88 16.10 11.02
CA TYR A 214 -28.75 17.00 10.91
C TYR A 214 -28.31 17.22 9.46
N ARG A 215 -27.91 18.44 9.12
CA ARG A 215 -27.41 18.72 7.79
C ARG A 215 -25.88 18.61 7.87
N ILE A 216 -25.23 17.72 7.11
CA ILE A 216 -23.78 17.62 7.13
C ILE A 216 -23.32 18.20 5.80
N ARG A 217 -22.64 19.32 5.92
CA ARG A 217 -22.12 20.03 4.76
C ARG A 217 -20.72 19.44 4.67
N ILE A 218 -20.33 18.96 3.49
CA ILE A 218 -19.04 18.32 3.23
C ILE A 218 -18.42 18.97 1.99
N ALA A 219 -17.20 19.46 2.03
CA ALA A 219 -16.53 20.08 0.90
C ALA A 219 -15.11 19.54 0.80
N SER A 220 -14.57 19.45 -0.41
CA SER A 220 -13.25 18.89 -0.63
C SER A 220 -12.31 19.85 -1.29
N THR A 221 -11.16 20.04 -0.63
CA THR A 221 -10.12 20.86 -1.19
C THR A 221 -8.93 19.94 -1.20
N THR A 222 -9.10 18.63 -1.44
CA THR A 222 -7.93 17.77 -1.52
C THR A 222 -7.06 18.26 -2.68
N ALA A 223 -5.74 18.16 -2.52
CA ALA A 223 -4.84 18.40 -3.63
C ALA A 223 -4.77 17.23 -4.63
N LEU A 224 -4.95 16.01 -4.12
CA LEU A 224 -4.83 14.80 -4.90
C LEU A 224 -5.96 13.78 -4.67
N ALA A 225 -6.22 13.41 -3.40
CA ALA A 225 -7.17 12.36 -3.08
C ALA A 225 -8.64 12.53 -3.46
N ALA A 226 -9.21 11.43 -3.89
CA ALA A 226 -10.64 11.34 -4.13
C ALA A 226 -11.06 10.56 -2.87
N LEU A 227 -12.18 10.87 -2.24
CA LEU A 227 -12.55 10.28 -0.95
C LEU A 227 -13.93 9.66 -0.98
N ASN A 228 -14.19 8.78 -0.02
CA ASN A 228 -15.46 8.10 0.13
C ASN A 228 -15.88 8.38 1.56
N PHE A 229 -17.09 8.84 1.79
CA PHE A 229 -17.58 9.24 3.11
C PHE A 229 -18.72 8.32 3.55
N ALA A 230 -18.59 7.62 4.68
CA ALA A 230 -19.66 6.77 5.21
C ALA A 230 -19.75 6.91 6.74
N ILE A 231 -20.92 6.99 7.40
CA ILE A 231 -21.07 6.93 8.86
C ILE A 231 -21.63 5.51 9.13
N GLY A 232 -21.13 4.75 10.10
CA GLY A 232 -21.62 3.41 10.38
C GLY A 232 -23.09 3.47 10.77
N ASN A 233 -23.90 2.53 10.26
CA ASN A 233 -25.35 2.39 10.49
C ASN A 233 -26.23 3.59 10.14
N HIS A 234 -25.82 4.60 9.37
CA HIS A 234 -26.72 5.71 9.03
C HIS A 234 -26.83 5.97 7.54
N GLN A 235 -28.07 6.03 7.04
CA GLN A 235 -28.35 6.39 5.65
C GLN A 235 -28.06 7.88 5.44
N LEU A 236 -27.52 8.26 4.28
CA LEU A 236 -27.29 9.67 3.99
C LEU A 236 -28.31 10.04 2.91
N LEU A 237 -28.94 11.21 2.97
CA LEU A 237 -29.83 11.63 1.91
C LEU A 237 -29.23 12.87 1.25
N VAL A 238 -28.92 12.81 -0.05
CA VAL A 238 -28.26 13.91 -0.72
C VAL A 238 -29.30 14.96 -1.08
N VAL A 239 -29.04 16.18 -0.65
CA VAL A 239 -29.96 17.27 -0.95
C VAL A 239 -29.29 18.40 -1.71
N GLU A 240 -27.96 18.53 -1.68
CA GLU A 240 -27.27 19.69 -2.28
C GLU A 240 -25.99 19.18 -2.91
N ALA A 241 -25.61 19.73 -4.05
CA ALA A 241 -24.34 19.44 -4.68
C ALA A 241 -23.88 20.78 -5.20
N ASP A 242 -22.64 21.20 -4.89
CA ASP A 242 -22.02 22.44 -5.37
C ASP A 242 -22.84 23.72 -5.38
N GLY A 243 -23.60 23.89 -4.30
CA GLY A 243 -24.41 25.08 -4.12
C GLY A 243 -25.74 25.02 -4.85
N ASN A 244 -26.19 23.85 -5.30
CA ASN A 244 -27.44 23.72 -6.05
C ASN A 244 -28.13 22.49 -5.50
N TYR A 245 -29.45 22.43 -5.58
CA TYR A 245 -30.25 21.35 -5.01
C TYR A 245 -30.41 20.28 -6.08
N VAL A 246 -30.36 19.05 -5.60
CA VAL A 246 -30.45 17.89 -6.48
C VAL A 246 -31.71 17.16 -6.08
N GLN A 247 -32.17 16.24 -6.91
CA GLN A 247 -33.32 15.44 -6.56
C GLN A 247 -32.85 14.54 -5.41
N PRO A 248 -33.44 14.55 -4.21
CA PRO A 248 -33.01 13.67 -3.12
C PRO A 248 -32.99 12.18 -3.42
N PHE A 249 -32.00 11.51 -2.82
CA PHE A 249 -31.81 10.07 -2.87
C PHE A 249 -30.92 9.69 -1.69
N TYR A 250 -31.08 8.47 -1.23
CA TYR A 250 -30.34 7.90 -0.13
C TYR A 250 -29.25 7.08 -0.73
N THR A 251 -28.21 7.01 0.05
CA THR A 251 -27.08 6.21 -0.30
C THR A 251 -26.47 5.89 1.03
N SER A 252 -25.58 4.92 0.98
CA SER A 252 -24.88 4.43 2.16
C SER A 252 -23.56 5.17 2.39
N ASP A 253 -23.10 5.92 1.41
CA ASP A 253 -21.81 6.58 1.43
C ASP A 253 -21.75 7.46 0.21
N ILE A 254 -20.91 8.49 0.13
CA ILE A 254 -20.78 9.29 -1.09
C ILE A 254 -19.32 9.32 -1.50
N ASP A 255 -19.05 9.47 -2.79
CA ASP A 255 -17.70 9.66 -3.30
C ASP A 255 -17.61 11.15 -3.47
N ILE A 256 -16.48 11.78 -3.17
CA ILE A 256 -16.38 13.22 -3.35
C ILE A 256 -14.97 13.50 -3.87
N TYR A 257 -14.91 14.30 -4.93
CA TYR A 257 -13.68 14.57 -5.63
C TYR A 257 -13.31 16.00 -5.29
N SER A 258 -12.05 16.36 -5.41
CA SER A 258 -11.65 17.72 -5.10
C SER A 258 -12.44 18.78 -5.87
N GLY A 259 -13.00 19.74 -5.15
CA GLY A 259 -13.76 20.81 -5.76
C GLY A 259 -15.25 20.69 -5.52
N GLU A 260 -15.73 19.50 -5.15
CA GLU A 260 -17.14 19.25 -4.87
C GLU A 260 -17.53 19.56 -3.42
N SER A 261 -18.78 19.94 -3.25
CA SER A 261 -19.32 20.17 -1.92
C SER A 261 -20.68 19.50 -1.95
N TYR A 262 -21.17 18.85 -0.92
CA TYR A 262 -22.48 18.23 -0.92
C TYR A 262 -23.08 18.54 0.42
N SER A 263 -24.39 18.47 0.52
CA SER A 263 -25.02 18.48 1.83
C SER A 263 -25.90 17.26 1.86
N VAL A 264 -25.66 16.49 2.90
CA VAL A 264 -26.27 15.22 3.16
C VAL A 264 -27.14 15.41 4.42
N LEU A 265 -28.30 14.77 4.57
CA LEU A 265 -29.04 14.79 5.82
C LEU A 265 -28.96 13.40 6.45
N ILE A 266 -28.89 13.35 7.77
CA ILE A 266 -28.89 12.11 8.54
C ILE A 266 -29.92 12.28 9.65
N THR A 267 -30.40 11.20 10.25
CA THR A 267 -31.36 11.22 11.33
C THR A 267 -30.80 10.28 12.36
N THR A 268 -30.76 10.75 13.59
CA THR A 268 -30.19 9.97 14.66
C THR A 268 -31.19 9.02 15.25
N ASP A 269 -31.67 8.12 14.40
CA ASP A 269 -32.67 7.14 14.74
C ASP A 269 -32.05 5.81 15.09
N GLN A 270 -30.82 5.75 15.58
CA GLN A 270 -30.16 4.47 15.85
C GLN A 270 -30.09 4.20 17.34
N ASN A 271 -29.46 3.10 17.78
CA ASN A 271 -29.33 2.77 19.19
C ASN A 271 -28.63 3.87 19.97
N PRO A 272 -29.30 4.53 20.93
CA PRO A 272 -28.80 5.74 21.56
C PRO A 272 -27.70 5.49 22.58
N SER A 273 -27.36 4.25 22.93
CA SER A 273 -26.31 3.98 23.89
C SER A 273 -24.97 3.73 23.24
N GLU A 274 -24.79 3.94 21.93
CA GLU A 274 -23.48 3.75 21.37
C GLU A 274 -23.15 4.89 20.43
N ASN A 275 -21.85 5.00 20.20
CA ASN A 275 -21.26 6.01 19.32
C ASN A 275 -20.96 5.32 17.99
N TYR A 276 -20.83 6.02 16.87
CA TYR A 276 -20.64 5.37 15.57
C TYR A 276 -19.43 5.95 14.83
N TRP A 277 -18.88 5.18 13.89
CA TRP A 277 -17.73 5.62 13.13
C TRP A 277 -17.99 6.46 11.87
N VAL A 278 -17.15 7.43 11.60
CA VAL A 278 -17.18 8.22 10.37
C VAL A 278 -15.84 7.90 9.71
N SER A 279 -15.90 7.40 8.45
CA SER A 279 -14.74 6.99 7.65
C SER A 279 -14.69 7.78 6.36
N VAL A 280 -13.53 8.38 6.13
CA VAL A 280 -13.29 9.08 4.90
C VAL A 280 -12.09 8.35 4.30
N GLY A 281 -12.38 7.48 3.32
CA GLY A 281 -11.38 6.60 2.71
C GLY A 281 -11.01 7.04 1.28
N THR A 282 -9.79 6.79 0.83
CA THR A 282 -9.37 7.17 -0.51
C THR A 282 -9.88 6.17 -1.57
N ARG A 283 -10.31 6.66 -2.73
CA ARG A 283 -10.60 5.79 -3.85
C ARG A 283 -10.09 6.46 -5.11
N ALA A 284 -10.19 5.75 -6.25
CA ALA A 284 -9.78 6.14 -7.60
C ALA A 284 -8.27 6.06 -7.83
N ARG A 285 -7.50 5.68 -6.81
CA ARG A 285 -6.06 5.48 -6.83
C ARG A 285 -5.82 4.46 -5.76
N HIS A 286 -4.77 3.65 -5.97
CA HIS A 286 -4.39 2.58 -5.08
C HIS A 286 -3.98 3.25 -3.78
N PRO A 287 -4.65 2.93 -2.68
CA PRO A 287 -4.50 3.63 -1.42
C PRO A 287 -3.17 3.34 -0.77
N ASN A 288 -2.56 4.37 -0.23
CA ASN A 288 -1.38 4.19 0.58
C ASN A 288 -1.49 5.00 1.86
N THR A 289 -2.69 5.58 2.07
CA THR A 289 -2.96 6.51 3.13
C THR A 289 -4.03 5.91 4.03
N PRO A 290 -3.87 5.85 5.36
CA PRO A 290 -4.92 5.47 6.31
C PRO A 290 -6.18 6.31 6.12
N PRO A 291 -7.40 5.85 6.45
CA PRO A 291 -8.58 6.70 6.33
C PRO A 291 -8.65 7.76 7.42
N GLY A 292 -9.31 8.85 7.08
CA GLY A 292 -9.60 9.87 8.09
C GLY A 292 -10.75 9.34 8.95
N LEU A 293 -10.65 9.41 10.29
CA LEU A 293 -11.69 8.84 11.16
C LEU A 293 -12.17 9.82 12.23
N THR A 294 -13.42 9.75 12.64
CA THR A 294 -13.94 10.51 13.78
C THR A 294 -15.16 9.73 14.30
N LEU A 295 -15.87 10.29 15.30
CA LEU A 295 -17.02 9.66 15.90
C LEU A 295 -18.27 10.48 15.74
N LEU A 296 -19.39 9.79 15.55
CA LEU A 296 -20.67 10.44 15.61
C LEU A 296 -20.98 10.07 17.04
N ASN A 297 -20.91 11.08 17.87
CA ASN A 297 -21.11 10.91 19.29
C ASN A 297 -22.54 11.24 19.67
N TYR A 298 -23.31 10.19 19.98
CA TYR A 298 -24.66 10.37 20.49
C TYR A 298 -24.53 10.82 21.95
N LEU A 299 -24.88 12.07 22.24
CA LEU A 299 -24.85 12.60 23.60
C LEU A 299 -25.93 11.93 24.43
N PRO A 300 -25.80 11.52 25.70
CA PRO A 300 -24.70 11.83 26.60
C PRO A 300 -23.55 10.83 26.67
N ASN A 301 -23.46 9.86 25.76
CA ASN A 301 -22.42 8.86 25.87
C ASN A 301 -21.06 9.48 25.80
N SER A 302 -20.18 8.95 26.64
CA SER A 302 -18.81 9.41 26.66
C SER A 302 -18.28 9.18 25.26
N VAL A 303 -17.51 10.15 24.80
CA VAL A 303 -16.88 10.07 23.50
C VAL A 303 -15.80 8.96 23.52
N SER A 304 -15.32 8.53 24.68
CA SER A 304 -14.39 7.40 24.75
C SER A 304 -15.10 6.05 24.75
N LYS A 305 -16.43 6.02 24.58
CA LYS A 305 -17.15 4.79 24.45
C LYS A 305 -17.08 4.46 22.95
N LEU A 306 -16.21 3.53 22.61
CA LEU A 306 -15.94 3.20 21.23
C LEU A 306 -17.03 2.36 20.61
N PRO A 307 -17.24 2.42 19.30
CA PRO A 307 -18.28 1.63 18.65
C PRO A 307 -18.08 0.14 18.76
N THR A 308 -19.20 -0.59 18.73
CA THR A 308 -19.16 -2.04 18.75
C THR A 308 -18.57 -2.59 17.48
N SER A 309 -18.75 -1.88 16.36
CA SER A 309 -18.19 -2.32 15.11
C SER A 309 -16.93 -1.54 14.75
N PRO A 310 -16.09 -2.12 13.89
CA PRO A 310 -15.06 -1.43 13.12
C PRO A 310 -15.57 -0.24 12.32
N PRO A 311 -14.71 0.66 11.82
CA PRO A 311 -15.09 1.63 10.80
C PRO A 311 -15.62 0.96 9.53
N PRO A 312 -16.59 1.55 8.79
CA PRO A 312 -17.01 1.01 7.52
C PRO A 312 -15.81 0.90 6.59
N GLN A 313 -15.70 -0.31 6.03
CA GLN A 313 -14.61 -0.69 5.15
C GLN A 313 -14.78 0.11 3.88
N THR A 314 -13.78 0.85 3.43
CA THR A 314 -13.92 1.67 2.22
C THR A 314 -14.11 0.79 0.98
N PRO A 315 -15.03 1.08 0.06
CA PRO A 315 -15.23 0.38 -1.20
C PRO A 315 -13.94 0.27 -2.00
N ALA A 316 -13.78 -0.81 -2.78
CA ALA A 316 -12.61 -1.06 -3.60
C ALA A 316 -12.20 0.10 -4.48
N TRP A 317 -10.99 0.61 -4.29
CA TRP A 317 -10.55 1.79 -5.00
C TRP A 317 -10.79 1.89 -6.50
N ASP A 318 -10.83 0.73 -7.15
CA ASP A 318 -10.91 0.66 -8.59
C ASP A 318 -12.20 0.15 -9.19
N ASP A 319 -13.23 0.13 -8.39
CA ASP A 319 -14.49 -0.31 -8.89
C ASP A 319 -15.20 0.94 -9.42
N PHE A 320 -14.79 1.30 -10.64
CA PHE A 320 -15.33 2.48 -11.33
C PHE A 320 -16.80 2.29 -11.69
N ASP A 321 -17.25 1.05 -11.86
CA ASP A 321 -18.67 0.81 -12.10
C ASP A 321 -19.50 1.23 -10.91
N ARG A 322 -19.04 0.99 -9.68
CA ARG A 322 -19.74 1.41 -8.48
C ARG A 322 -19.70 2.95 -8.39
N SER A 323 -18.58 3.56 -8.80
CA SER A 323 -18.44 5.00 -8.77
C SER A 323 -19.36 5.68 -9.77
N LYS A 324 -19.50 5.13 -10.98
CA LYS A 324 -20.40 5.67 -11.98
C LYS A 324 -21.85 5.48 -11.54
N ASN A 325 -22.13 4.39 -10.86
CA ASN A 325 -23.46 4.13 -10.34
C ASN A 325 -23.89 5.24 -9.39
N PHE A 326 -22.96 5.78 -8.59
CA PHE A 326 -23.26 6.92 -7.74
C PHE A 326 -23.40 8.16 -8.62
N THR A 327 -22.33 8.55 -9.32
CA THR A 327 -22.31 9.76 -10.10
C THR A 327 -23.43 9.98 -11.12
N TYR A 328 -23.87 8.93 -11.77
CA TYR A 328 -24.91 9.05 -12.79
C TYR A 328 -26.29 9.27 -12.20
N ARG A 329 -26.44 8.91 -10.93
CA ARG A 329 -27.70 9.06 -10.24
C ARG A 329 -27.97 10.51 -9.86
N ILE A 330 -27.09 11.51 -10.09
CA ILE A 330 -27.31 12.90 -9.64
C ILE A 330 -28.10 13.72 -10.68
N THR A 331 -29.31 14.22 -10.35
CA THR A 331 -30.15 15.00 -11.27
C THR A 331 -30.61 16.30 -10.61
N ALA A 332 -31.01 17.31 -11.38
CA ALA A 332 -31.43 18.58 -10.82
C ALA A 332 -32.75 18.37 -10.07
N ALA A 333 -32.87 19.13 -9.01
CA ALA A 333 -34.08 19.13 -8.23
C ALA A 333 -35.22 19.56 -9.13
N MET A 334 -36.37 18.97 -8.92
CA MET A 334 -37.58 19.32 -9.63
C MET A 334 -37.80 20.82 -9.47
N GLY A 335 -37.84 21.56 -10.56
CA GLY A 335 -38.02 23.00 -10.49
C GLY A 335 -36.73 23.76 -10.77
N SER A 336 -35.63 23.07 -11.03
CA SER A 336 -34.39 23.72 -11.38
C SER A 336 -34.36 24.29 -12.79
N PRO A 337 -33.46 25.23 -13.11
CA PRO A 337 -33.22 25.73 -14.46
C PRO A 337 -32.82 24.62 -15.39
N LYS A 338 -33.47 24.64 -16.55
CA LYS A 338 -33.23 23.64 -17.59
C LYS A 338 -32.25 24.28 -18.58
N PRO A 339 -31.37 23.55 -19.26
CA PRO A 339 -30.47 24.13 -20.25
C PRO A 339 -31.17 24.83 -21.43
N PRO A 340 -30.51 25.73 -22.19
CA PRO A 340 -30.87 26.01 -23.58
C PRO A 340 -30.83 24.66 -24.31
N VAL A 341 -31.68 24.43 -25.29
CA VAL A 341 -31.71 23.15 -25.98
C VAL A 341 -30.67 23.07 -27.10
N LYS A 342 -30.42 24.14 -27.86
CA LYS A 342 -29.37 24.11 -28.88
C LYS A 342 -28.10 24.77 -28.34
N PHE A 343 -26.93 24.41 -28.87
CA PHE A 343 -25.69 25.05 -28.47
C PHE A 343 -25.23 25.92 -29.62
N ASN A 344 -24.31 26.84 -29.36
CA ASN A 344 -23.81 27.72 -30.39
C ASN A 344 -22.36 27.35 -30.60
N ARG A 345 -21.71 26.67 -29.65
CA ARG A 345 -20.33 26.24 -29.84
C ARG A 345 -20.19 24.98 -29.05
N ARG A 346 -19.41 24.02 -29.55
CA ARG A 346 -19.13 22.77 -28.89
C ARG A 346 -17.61 22.64 -29.06
N ILE A 347 -16.85 22.42 -27.99
CA ILE A 347 -15.39 22.33 -28.02
C ILE A 347 -15.04 20.94 -27.49
N PHE A 348 -13.99 20.32 -28.02
CA PHE A 348 -13.54 19.00 -27.62
C PHE A 348 -12.13 19.16 -27.09
N LEU A 349 -11.96 18.68 -25.86
CA LEU A 349 -10.71 18.80 -25.16
C LEU A 349 -10.28 17.41 -24.72
N LEU A 350 -9.18 16.98 -25.30
CA LEU A 350 -8.53 15.70 -25.03
C LEU A 350 -7.50 15.88 -23.94
N ASN A 351 -7.60 15.06 -22.91
CA ASN A 351 -6.77 15.16 -21.72
C ASN A 351 -5.65 14.14 -21.81
N THR A 352 -4.37 14.53 -21.98
CA THR A 352 -3.30 13.56 -22.01
C THR A 352 -2.13 13.97 -21.11
N GLN A 353 -1.39 12.96 -20.61
CA GLN A 353 -0.12 13.15 -19.92
C GLN A 353 0.88 12.99 -21.04
N ASN A 354 1.85 13.88 -21.03
CA ASN A 354 2.82 14.04 -22.10
C ASN A 354 4.22 14.21 -21.57
N VAL A 355 5.22 14.15 -22.43
CA VAL A 355 6.60 14.31 -22.04
C VAL A 355 7.07 15.40 -22.98
N ILE A 356 7.13 16.65 -22.56
CA ILE A 356 7.57 17.72 -23.45
C ILE A 356 8.99 18.05 -23.05
N ASN A 357 9.89 17.94 -24.02
CA ASN A 357 11.33 18.17 -23.86
C ASN A 357 12.00 17.58 -22.63
N GLY A 358 11.66 16.33 -22.33
CA GLY A 358 12.22 15.66 -21.17
C GLY A 358 11.28 15.72 -19.98
N TYR A 359 10.53 16.82 -19.85
CA TYR A 359 9.64 17.05 -18.72
C TYR A 359 8.31 16.32 -18.90
N VAL A 360 7.74 15.73 -17.87
CA VAL A 360 6.44 15.10 -18.01
C VAL A 360 5.45 16.25 -17.79
N LYS A 361 4.48 16.54 -18.67
CA LYS A 361 3.53 17.64 -18.46
C LYS A 361 2.15 17.13 -18.81
N TRP A 362 1.07 17.78 -18.41
CA TRP A 362 -0.25 17.37 -18.86
C TRP A 362 -0.62 18.38 -19.92
N ALA A 363 -1.25 17.91 -20.98
CA ALA A 363 -1.68 18.75 -22.06
C ALA A 363 -3.15 18.56 -22.37
N ILE A 364 -3.74 19.62 -22.95
CA ILE A 364 -5.13 19.67 -23.33
C ILE A 364 -5.04 19.94 -24.83
N ASN A 365 -5.54 19.06 -25.71
CA ASN A 365 -5.37 19.18 -27.17
C ASN A 365 -3.95 19.60 -27.57
N ASP A 366 -3.01 18.92 -26.87
CA ASP A 366 -1.56 19.06 -27.03
C ASP A 366 -0.89 20.37 -26.64
N VAL A 367 -1.60 21.18 -25.87
CA VAL A 367 -1.06 22.43 -25.35
C VAL A 367 -1.04 22.29 -23.83
N SER A 368 0.13 22.50 -23.23
CA SER A 368 0.29 22.49 -21.79
C SER A 368 0.33 23.98 -21.43
N LEU A 369 -0.57 24.43 -20.57
CA LEU A 369 -0.68 25.85 -20.22
C LEU A 369 0.49 26.32 -19.38
N ALA A 370 1.09 27.43 -19.81
CA ALA A 370 2.11 28.09 -19.02
C ALA A 370 1.54 29.51 -18.88
N LEU A 371 1.19 29.89 -17.66
CA LEU A 371 0.57 31.19 -17.40
C LEU A 371 1.53 32.36 -17.51
N PRO A 372 1.12 33.47 -18.11
CA PRO A 372 1.99 34.60 -18.39
C PRO A 372 2.22 35.46 -17.15
N PRO A 373 3.28 36.26 -17.05
CA PRO A 373 3.41 37.27 -16.01
C PRO A 373 2.41 38.39 -16.15
N THR A 374 1.78 38.63 -17.31
CA THR A 374 0.75 39.66 -17.39
C THR A 374 -0.60 39.00 -17.11
N PRO A 375 -1.43 39.51 -16.21
CA PRO A 375 -2.76 38.99 -15.97
C PRO A 375 -3.63 39.15 -17.21
N TYR A 376 -4.18 38.05 -17.70
CA TYR A 376 -5.08 38.09 -18.86
C TYR A 376 -6.18 39.12 -18.76
N LEU A 377 -6.89 39.25 -17.64
CA LEU A 377 -7.97 40.23 -17.57
C LEU A 377 -7.49 41.64 -17.88
N GLY A 378 -6.39 42.10 -17.30
CA GLY A 378 -5.88 43.43 -17.59
C GLY A 378 -5.43 43.53 -19.02
N ALA A 379 -4.73 42.49 -19.48
CA ALA A 379 -4.19 42.43 -20.83
C ALA A 379 -5.26 42.56 -21.88
N MET A 380 -6.40 41.90 -21.71
CA MET A 380 -7.47 41.95 -22.65
C MET A 380 -8.28 43.23 -22.49
N LYS A 381 -8.49 43.79 -21.29
CA LYS A 381 -9.21 45.06 -21.16
C LYS A 381 -8.42 46.17 -21.82
N TYR A 382 -7.09 46.19 -21.71
CA TYR A 382 -6.34 47.28 -22.33
C TYR A 382 -5.80 46.99 -23.72
N ASN A 383 -6.25 45.87 -24.27
CA ASN A 383 -5.89 45.40 -25.60
C ASN A 383 -4.39 45.27 -25.87
N LEU A 384 -3.67 44.66 -24.93
CA LEU A 384 -2.22 44.48 -25.01
C LEU A 384 -1.93 43.22 -25.81
N LEU A 385 -1.82 43.39 -27.11
CA LEU A 385 -1.69 42.25 -27.99
C LEU A 385 -0.32 41.57 -28.08
N HIS A 386 0.59 41.81 -27.14
CA HIS A 386 1.91 41.15 -27.17
C HIS A 386 2.12 40.35 -25.91
N ALA A 387 1.15 40.38 -25.00
CA ALA A 387 1.30 39.82 -23.68
C ALA A 387 1.14 38.31 -23.63
N PHE A 388 0.39 37.76 -24.58
CA PHE A 388 0.14 36.34 -24.70
C PHE A 388 -0.18 36.10 -26.17
N ASP A 389 -0.33 34.82 -26.50
CA ASP A 389 -0.57 34.40 -27.85
C ASP A 389 -2.01 34.67 -28.30
N GLN A 390 -2.11 35.48 -29.36
CA GLN A 390 -3.37 35.84 -29.96
C GLN A 390 -3.97 34.75 -30.81
N ASN A 391 -3.21 33.76 -31.28
CA ASN A 391 -3.76 32.69 -32.11
C ASN A 391 -4.68 31.77 -31.32
N PRO A 392 -5.95 31.56 -31.73
CA PRO A 392 -6.91 30.70 -31.04
C PRO A 392 -6.50 29.25 -30.82
N PRO A 393 -6.52 28.78 -29.57
CA PRO A 393 -6.23 27.40 -29.23
C PRO A 393 -7.17 26.37 -29.87
N PRO A 394 -6.72 25.15 -30.10
CA PRO A 394 -7.45 24.12 -30.83
C PRO A 394 -8.76 23.70 -30.13
N GLU A 395 -9.84 23.72 -30.89
CA GLU A 395 -11.13 23.36 -30.35
C GLU A 395 -11.53 21.95 -30.64
N VAL A 396 -10.65 21.15 -31.24
CA VAL A 396 -10.92 19.75 -31.57
C VAL A 396 -9.58 19.09 -31.53
N PHE A 397 -9.58 17.78 -31.30
CA PHE A 397 -8.42 16.93 -31.37
C PHE A 397 -8.59 16.03 -32.63
N PRO A 398 -7.59 15.32 -33.19
CA PRO A 398 -7.68 14.57 -34.45
C PRO A 398 -8.50 13.29 -34.35
N GLU A 399 -9.32 12.94 -35.35
CA GLU A 399 -10.08 11.71 -35.25
C GLU A 399 -9.25 10.46 -35.49
N ASP A 400 -7.98 10.63 -35.82
CA ASP A 400 -7.07 9.49 -35.86
C ASP A 400 -6.33 9.34 -34.54
N TYR A 401 -6.64 10.12 -33.48
CA TYR A 401 -5.95 9.92 -32.21
C TYR A 401 -6.57 8.68 -31.56
N ASP A 402 -5.68 7.77 -31.14
CA ASP A 402 -6.06 6.57 -30.45
C ASP A 402 -5.89 6.81 -28.94
N ILE A 403 -7.03 6.89 -28.24
CA ILE A 403 -7.06 7.10 -26.80
C ILE A 403 -6.66 5.83 -26.02
N ASP A 404 -6.46 4.69 -26.66
CA ASP A 404 -6.11 3.49 -25.90
C ASP A 404 -4.63 3.26 -25.82
N THR A 405 -3.81 4.17 -26.35
CA THR A 405 -2.38 3.94 -26.40
C THR A 405 -1.61 5.17 -25.95
N PRO A 406 -0.39 5.04 -25.41
CA PRO A 406 0.42 6.16 -24.97
C PRO A 406 0.56 7.25 -26.03
N PRO A 407 0.72 8.54 -25.71
CA PRO A 407 1.00 9.56 -26.70
C PRO A 407 2.30 9.25 -27.43
N THR A 408 2.46 9.88 -28.58
CA THR A 408 3.71 9.80 -29.33
C THR A 408 4.49 11.08 -29.02
N ASN A 409 3.76 12.13 -28.58
CA ASN A 409 4.27 13.44 -28.18
C ASN A 409 4.84 14.29 -29.30
N GLU A 410 4.70 13.77 -30.52
CA GLU A 410 5.21 14.40 -31.73
C GLU A 410 4.94 15.88 -31.88
N LYS A 411 3.77 16.38 -31.46
CA LYS A 411 3.45 17.79 -31.66
C LYS A 411 3.15 18.57 -30.38
N THR A 412 3.39 18.00 -29.20
CA THR A 412 3.04 18.65 -27.95
C THR A 412 3.92 19.85 -27.60
N ARG A 413 3.14 20.93 -27.43
CA ARG A 413 3.63 22.27 -27.13
C ARG A 413 3.15 22.80 -25.80
N ILE A 414 3.93 23.74 -25.27
CA ILE A 414 3.51 24.51 -24.12
C ILE A 414 2.91 25.76 -24.80
N GLY A 415 1.86 26.36 -24.26
CA GLY A 415 1.24 27.52 -24.86
C GLY A 415 0.48 28.27 -23.77
N ASN A 416 -0.18 29.37 -24.16
CA ASN A 416 -0.90 30.28 -23.26
C ASN A 416 -1.93 31.10 -24.05
N GLY A 417 -2.57 30.52 -25.05
CA GLY A 417 -3.60 31.19 -25.82
C GLY A 417 -4.89 31.07 -25.00
N VAL A 418 -5.95 31.80 -25.36
CA VAL A 418 -7.21 31.89 -24.63
C VAL A 418 -8.37 31.55 -25.54
N TYR A 419 -9.34 30.72 -25.10
CA TYR A 419 -10.53 30.47 -25.91
C TYR A 419 -11.42 31.66 -25.65
N GLN A 420 -12.05 32.20 -26.69
CA GLN A 420 -12.81 33.44 -26.53
C GLN A 420 -14.24 33.20 -26.96
N PHE A 421 -15.23 33.67 -26.19
CA PHE A 421 -16.62 33.47 -26.53
C PHE A 421 -17.27 34.82 -26.62
N LYS A 422 -18.45 34.89 -27.22
CA LYS A 422 -19.22 36.11 -27.29
C LYS A 422 -20.24 36.04 -26.17
N ILE A 423 -20.53 37.23 -25.65
CA ILE A 423 -21.41 37.33 -24.49
C ILE A 423 -22.77 36.82 -24.93
N GLY A 424 -23.24 35.80 -24.22
CA GLY A 424 -24.53 35.18 -24.53
C GLY A 424 -24.39 33.84 -25.27
N GLU A 425 -23.20 33.41 -25.69
CA GLU A 425 -23.03 32.13 -26.37
C GLU A 425 -23.36 30.92 -25.54
N VAL A 426 -24.06 29.90 -26.05
CA VAL A 426 -24.23 28.66 -25.32
C VAL A 426 -23.08 27.74 -25.75
N VAL A 427 -22.27 27.22 -24.83
CA VAL A 427 -21.07 26.47 -25.14
C VAL A 427 -21.25 25.09 -24.55
N ASP A 428 -20.86 24.08 -25.32
CA ASP A 428 -20.79 22.74 -24.82
C ASP A 428 -19.32 22.43 -24.78
N VAL A 429 -18.87 21.70 -23.77
CA VAL A 429 -17.49 21.28 -23.66
C VAL A 429 -17.56 19.78 -23.42
N ILE A 430 -16.93 19.00 -24.32
CA ILE A 430 -16.87 17.56 -24.25
C ILE A 430 -15.44 17.30 -23.76
N LEU A 431 -15.30 16.68 -22.60
CA LEU A 431 -14.00 16.39 -22.01
C LEU A 431 -13.72 14.93 -22.34
N GLN A 432 -12.62 14.66 -23.02
CA GLN A 432 -12.30 13.32 -23.44
C GLN A 432 -11.03 12.86 -22.72
N ASN A 433 -11.17 11.75 -22.02
CA ASN A 433 -10.03 11.16 -21.34
C ASN A 433 -9.29 10.19 -22.27
N ALA A 434 -8.04 9.81 -21.99
CA ALA A 434 -7.25 8.98 -22.89
C ALA A 434 -6.22 8.21 -22.08
N ASN A 435 -5.39 7.36 -22.68
CA ASN A 435 -4.36 6.64 -21.94
C ASN A 435 -3.22 7.60 -21.57
N MET A 436 -2.58 7.44 -20.41
CA MET A 436 -1.47 8.27 -19.98
C MET A 436 -0.17 7.72 -20.57
N MET A 437 1.04 8.09 -20.11
CA MET A 437 2.29 7.57 -20.71
C MET A 437 2.54 6.10 -20.40
N LYS A 438 2.16 5.66 -19.21
CA LYS A 438 2.37 4.27 -18.85
C LYS A 438 1.34 3.48 -19.67
N GLU A 439 1.65 2.27 -20.09
CA GLU A 439 0.72 1.47 -20.85
C GLU A 439 -0.40 1.01 -19.95
N ASN A 440 -1.60 1.04 -20.53
CA ASN A 440 -2.88 0.63 -19.95
C ASN A 440 -3.29 1.37 -18.66
N LEU A 441 -3.12 2.68 -18.69
CA LEU A 441 -3.49 3.46 -17.52
C LEU A 441 -4.19 4.73 -17.96
N SER A 442 -5.32 5.05 -17.33
CA SER A 442 -6.03 6.32 -17.47
C SER A 442 -6.62 6.60 -16.10
N GLU A 443 -6.62 7.84 -15.64
CA GLU A 443 -7.06 8.18 -14.29
C GLU A 443 -8.30 9.08 -14.27
N THR A 444 -8.87 9.36 -13.10
CA THR A 444 -10.00 10.27 -12.99
C THR A 444 -9.40 11.66 -12.87
N HIS A 445 -10.13 12.69 -13.27
CA HIS A 445 -9.66 14.06 -13.17
C HIS A 445 -10.90 14.83 -12.85
N PRO A 446 -10.99 15.60 -11.75
CA PRO A 446 -12.05 16.56 -11.54
C PRO A 446 -11.76 17.87 -12.27
N TRP A 447 -12.70 18.46 -12.99
CA TRP A 447 -12.51 19.68 -13.75
C TRP A 447 -13.43 20.69 -13.12
N HIS A 448 -13.00 21.92 -12.92
CA HIS A 448 -13.81 22.92 -12.27
C HIS A 448 -13.77 24.19 -13.09
N LEU A 449 -14.92 24.82 -13.36
CA LEU A 449 -14.96 26.03 -14.15
C LEU A 449 -15.11 27.19 -13.20
N HIS A 450 -14.36 28.26 -13.40
CA HIS A 450 -14.49 29.45 -12.58
C HIS A 450 -15.58 30.35 -13.14
N GLY A 451 -16.25 31.08 -12.26
CA GLY A 451 -17.19 32.10 -12.63
C GLY A 451 -18.46 31.61 -13.28
N HIS A 452 -18.79 30.32 -13.23
CA HIS A 452 -20.00 29.82 -13.87
C HIS A 452 -20.36 28.51 -13.21
N ASP A 453 -21.63 28.18 -13.40
CA ASP A 453 -22.15 26.86 -13.12
C ASP A 453 -22.57 26.33 -14.51
N PHE A 454 -22.39 25.04 -14.71
CA PHE A 454 -22.75 24.38 -15.92
C PHE A 454 -23.75 23.26 -15.67
N TRP A 455 -24.44 22.79 -16.70
CA TRP A 455 -25.34 21.64 -16.60
C TRP A 455 -24.54 20.39 -17.00
N VAL A 456 -24.62 19.27 -16.29
CA VAL A 456 -23.84 18.11 -16.66
C VAL A 456 -24.74 17.30 -17.56
N LEU A 457 -24.52 17.41 -18.88
CA LEU A 457 -25.36 16.71 -19.81
C LEU A 457 -25.13 15.20 -19.79
N GLY A 458 -23.96 14.65 -19.51
CA GLY A 458 -23.80 13.21 -19.50
C GLY A 458 -22.35 12.74 -19.43
N TYR A 459 -22.22 11.42 -19.35
CA TYR A 459 -20.96 10.70 -19.24
C TYR A 459 -21.02 9.47 -20.12
N GLY A 460 -19.90 9.03 -20.64
CA GLY A 460 -19.88 7.82 -21.42
C GLY A 460 -18.50 7.26 -21.41
N ASP A 461 -18.40 6.06 -21.96
CA ASP A 461 -17.16 5.34 -22.01
C ASP A 461 -16.59 5.46 -23.41
N GLY A 462 -15.27 5.37 -23.53
CA GLY A 462 -14.59 5.46 -24.81
C GLY A 462 -14.63 6.87 -25.34
N LYS A 463 -14.54 6.95 -26.64
CA LYS A 463 -14.45 8.24 -27.29
C LYS A 463 -15.85 8.72 -27.67
N PHE A 464 -16.16 9.99 -27.39
CA PHE A 464 -17.46 10.53 -27.74
C PHE A 464 -17.64 10.52 -29.25
N SER A 465 -18.83 10.14 -29.69
CA SER A 465 -19.10 10.08 -31.09
C SER A 465 -20.52 10.55 -31.26
N ALA A 466 -20.91 10.95 -32.46
CA ALA A 466 -22.26 11.37 -32.81
C ALA A 466 -23.39 10.43 -32.39
N GLU A 467 -23.08 9.15 -32.25
CA GLU A 467 -24.08 8.16 -31.83
C GLU A 467 -24.53 8.46 -30.40
N GLU A 468 -23.67 9.13 -29.63
CA GLU A 468 -23.95 9.42 -28.24
C GLU A 468 -24.80 10.68 -28.04
N GLU A 469 -25.13 11.45 -29.08
CA GLU A 469 -25.88 12.68 -28.92
C GLU A 469 -27.21 12.46 -28.23
N SER A 470 -28.00 11.50 -28.70
CA SER A 470 -29.27 11.21 -28.10
C SER A 470 -29.21 10.76 -26.65
N SER A 471 -28.04 10.51 -26.04
CA SER A 471 -28.04 10.09 -24.66
C SER A 471 -27.90 11.29 -23.71
N LEU A 472 -27.54 12.47 -24.25
CA LEU A 472 -27.38 13.65 -23.41
C LEU A 472 -28.72 14.09 -22.82
N ASN A 473 -28.63 14.31 -21.52
CA ASN A 473 -29.75 14.72 -20.70
C ASN A 473 -30.02 16.21 -20.77
N LEU A 474 -31.17 16.56 -21.31
CA LEU A 474 -31.59 17.95 -21.43
C LEU A 474 -32.83 18.26 -20.59
N LYS A 475 -33.36 17.27 -19.89
CA LYS A 475 -34.57 17.48 -19.13
C LYS A 475 -34.16 17.88 -17.71
N ASN A 476 -33.46 16.95 -17.07
CA ASN A 476 -33.06 17.00 -15.67
C ASN A 476 -31.59 17.25 -15.33
N PRO A 477 -30.63 17.70 -16.14
CA PRO A 477 -29.20 17.67 -15.75
C PRO A 477 -28.81 18.48 -14.50
N PRO A 478 -27.92 18.05 -13.58
CA PRO A 478 -27.47 18.86 -12.46
C PRO A 478 -26.58 20.05 -12.81
N LEU A 479 -26.77 21.12 -12.05
CA LEU A 479 -25.97 22.33 -12.18
C LEU A 479 -24.79 22.14 -11.23
N ARG A 480 -23.55 22.21 -11.71
CA ARG A 480 -22.39 22.04 -10.85
C ARG A 480 -21.34 23.06 -11.23
N ASN A 481 -20.23 23.05 -10.49
CA ASN A 481 -19.02 23.76 -10.86
C ASN A 481 -17.88 22.75 -11.02
N THR A 482 -17.94 21.54 -10.44
CA THR A 482 -16.90 20.53 -10.61
C THR A 482 -17.51 19.26 -11.22
N VAL A 483 -16.82 18.62 -12.16
CA VAL A 483 -17.30 17.38 -12.81
C VAL A 483 -16.12 16.42 -12.99
N VAL A 484 -16.34 15.11 -13.04
CA VAL A 484 -15.25 14.15 -13.15
C VAL A 484 -15.26 13.54 -14.55
N ILE A 485 -14.11 13.10 -15.07
CA ILE A 485 -14.08 12.22 -16.23
C ILE A 485 -13.56 10.92 -15.67
N PHE A 486 -14.15 9.78 -16.01
CA PHE A 486 -13.66 8.46 -15.55
C PHE A 486 -12.55 7.90 -16.44
N PRO A 487 -11.74 6.86 -16.10
CA PRO A 487 -10.84 6.15 -17.02
C PRO A 487 -11.41 5.96 -18.43
N TYR A 488 -10.65 6.39 -19.43
CA TYR A 488 -10.96 6.30 -20.85
C TYR A 488 -12.37 6.79 -21.20
N GLY A 489 -12.95 7.78 -20.52
CA GLY A 489 -14.32 8.16 -20.82
C GLY A 489 -14.49 9.60 -21.23
N TRP A 490 -15.74 10.02 -21.45
CA TRP A 490 -16.02 11.42 -21.75
C TRP A 490 -17.10 11.97 -20.84
N THR A 491 -17.21 13.27 -20.69
CA THR A 491 -18.22 13.92 -19.86
C THR A 491 -18.61 15.17 -20.67
N ALA A 492 -19.88 15.52 -20.82
CA ALA A 492 -20.27 16.66 -21.62
C ALA A 492 -20.97 17.68 -20.73
N ILE A 493 -20.63 18.98 -20.83
CA ILE A 493 -21.28 19.99 -20.02
C ILE A 493 -21.70 21.14 -20.94
N ARG A 494 -22.67 21.93 -20.51
CA ARG A 494 -23.17 23.07 -21.27
C ARG A 494 -23.23 24.28 -20.34
N PHE A 495 -22.95 25.50 -20.80
CA PHE A 495 -23.11 26.69 -19.94
C PHE A 495 -23.28 27.91 -20.80
N VAL A 496 -23.86 28.99 -20.26
CA VAL A 496 -24.03 30.20 -21.07
C VAL A 496 -22.92 31.16 -20.73
N ALA A 497 -22.17 31.68 -21.70
CA ALA A 497 -21.09 32.62 -21.48
C ALA A 497 -21.65 34.03 -21.26
N ASP A 498 -22.29 34.20 -20.13
CA ASP A 498 -22.97 35.43 -19.76
C ASP A 498 -22.27 36.20 -18.63
N ASN A 499 -20.97 36.06 -18.41
CA ASN A 499 -20.36 36.68 -17.25
C ASN A 499 -19.03 37.31 -17.58
N PRO A 500 -18.98 38.60 -17.91
CA PRO A 500 -17.81 39.28 -18.44
C PRO A 500 -16.53 39.05 -17.67
N GLY A 501 -15.43 38.66 -18.30
CA GLY A 501 -14.20 38.40 -17.55
C GLY A 501 -13.41 37.23 -18.10
N VAL A 502 -12.32 36.87 -17.42
CA VAL A 502 -11.43 35.82 -17.89
C VAL A 502 -11.36 34.71 -16.84
N TRP A 503 -11.85 33.54 -17.21
CA TRP A 503 -12.09 32.48 -16.26
C TRP A 503 -11.30 31.22 -16.53
N ALA A 504 -10.72 30.63 -15.50
CA ALA A 504 -9.98 29.42 -15.60
C ALA A 504 -10.89 28.21 -15.63
N PHE A 505 -10.56 27.20 -16.42
CA PHE A 505 -11.33 25.97 -16.40
C PHE A 505 -10.19 25.01 -16.25
N HIS A 506 -10.12 24.26 -15.16
CA HIS A 506 -8.93 23.46 -14.96
C HIS A 506 -9.22 22.18 -14.21
N CYS A 507 -8.30 21.22 -14.27
CA CYS A 507 -8.37 20.04 -13.42
C CYS A 507 -8.11 20.44 -11.96
N HIS A 508 -8.87 19.99 -10.97
CA HIS A 508 -8.70 20.36 -9.57
C HIS A 508 -7.74 19.44 -8.84
N ILE A 509 -6.92 18.63 -9.51
CA ILE A 509 -5.86 17.96 -8.80
C ILE A 509 -4.69 18.95 -8.93
N GLU A 510 -4.16 19.48 -7.82
CA GLU A 510 -3.11 20.50 -7.85
C GLU A 510 -1.79 20.13 -8.54
N PRO A 511 -1.12 18.96 -8.44
CA PRO A 511 0.01 18.63 -9.29
C PRO A 511 -0.28 18.72 -10.79
N HIS A 512 -1.51 18.42 -11.23
CA HIS A 512 -1.89 18.44 -12.62
C HIS A 512 -1.96 19.88 -13.10
N LEU A 513 -2.60 20.77 -12.36
CA LEU A 513 -2.65 22.17 -12.72
C LEU A 513 -1.23 22.70 -12.72
N HIS A 514 -0.37 22.36 -11.77
CA HIS A 514 1.03 22.81 -11.80
C HIS A 514 1.73 22.37 -13.08
N MET A 515 1.41 21.18 -13.59
CA MET A 515 1.99 20.62 -14.80
C MET A 515 1.28 21.01 -16.10
N GLY A 516 0.44 22.04 -16.08
CA GLY A 516 -0.19 22.53 -17.29
C GLY A 516 -1.66 22.14 -17.50
N MET A 517 -2.26 21.23 -16.74
CA MET A 517 -3.63 20.83 -17.00
C MET A 517 -4.76 21.82 -16.69
N GLY A 518 -4.93 22.75 -17.61
CA GLY A 518 -6.05 23.67 -17.55
C GLY A 518 -6.03 24.57 -18.75
N VAL A 519 -7.17 25.26 -19.03
CA VAL A 519 -7.30 26.23 -20.13
C VAL A 519 -7.80 27.57 -19.61
N VAL A 520 -7.87 28.59 -20.45
CA VAL A 520 -8.38 29.90 -20.07
C VAL A 520 -9.55 30.23 -21.02
N PHE A 521 -10.68 30.66 -20.48
CA PHE A 521 -11.84 31.06 -21.26
C PHE A 521 -12.05 32.56 -21.07
N ALA A 522 -12.38 33.37 -22.06
CA ALA A 522 -12.70 34.78 -21.88
C ALA A 522 -13.98 35.04 -22.62
N GLU A 523 -14.82 35.92 -22.11
CA GLU A 523 -16.08 36.30 -22.74
C GLU A 523 -16.37 37.74 -22.36
N GLY A 524 -16.89 38.50 -23.31
CA GLY A 524 -17.33 39.86 -23.15
C GLY A 524 -16.39 40.78 -22.41
N VAL A 525 -15.07 40.74 -22.63
CA VAL A 525 -14.15 41.56 -21.85
C VAL A 525 -14.38 43.07 -22.07
N GLU A 526 -14.99 43.41 -23.21
CA GLU A 526 -15.39 44.79 -23.54
C GLU A 526 -16.28 45.40 -22.46
N LYS A 527 -17.00 44.57 -21.72
CA LYS A 527 -17.90 45.06 -20.72
C LYS A 527 -17.35 45.08 -19.30
N VAL A 528 -16.08 44.76 -19.10
CA VAL A 528 -15.50 44.72 -17.76
C VAL A 528 -15.28 46.19 -17.37
N GLY A 529 -15.58 46.58 -16.14
CA GLY A 529 -15.36 47.95 -15.69
C GLY A 529 -13.94 48.15 -15.18
N ARG A 530 -13.80 49.06 -14.21
CA ARG A 530 -12.50 49.39 -13.66
C ARG A 530 -11.98 48.23 -12.83
N ILE A 531 -10.69 47.96 -13.02
CA ILE A 531 -9.99 46.91 -12.29
C ILE A 531 -9.14 47.65 -11.26
N PRO A 532 -9.10 47.25 -10.00
CA PRO A 532 -8.19 47.78 -8.99
C PRO A 532 -6.76 47.82 -9.46
N THR A 533 -6.12 48.96 -9.22
CA THR A 533 -4.72 49.20 -9.57
C THR A 533 -3.79 48.05 -9.16
N LYS A 534 -4.00 47.45 -7.97
CA LYS A 534 -3.14 46.38 -7.53
C LYS A 534 -3.25 45.15 -8.38
N ALA A 535 -4.42 44.91 -8.97
CA ALA A 535 -4.56 43.77 -9.87
C ALA A 535 -3.86 44.01 -11.23
N LEU A 536 -3.47 45.24 -11.58
CA LEU A 536 -2.79 45.63 -12.80
C LEU A 536 -1.28 45.86 -12.64
N ALA A 537 -0.83 46.19 -11.44
CA ALA A 537 0.54 46.60 -11.19
C ALA A 537 1.64 45.54 -11.23
N CYS A 538 1.74 44.81 -12.35
CA CYS A 538 2.81 43.88 -12.65
C CYS A 538 2.81 43.69 -14.16
N GLY A 539 3.79 42.96 -14.68
CA GLY A 539 3.85 42.63 -16.10
C GLY A 539 3.70 43.77 -17.09
N GLY A 540 2.99 43.47 -18.17
CA GLY A 540 2.81 44.38 -19.30
C GLY A 540 1.76 45.43 -19.06
N THR A 541 0.82 45.16 -18.15
CA THR A 541 -0.20 46.13 -17.75
C THR A 541 0.44 47.32 -17.07
N ALA A 542 1.31 47.09 -16.07
CA ALA A 542 2.05 48.18 -15.43
C ALA A 542 3.01 48.84 -16.42
N LYS A 543 3.61 48.11 -17.36
CA LYS A 543 4.47 48.68 -18.39
C LYS A 543 3.71 49.71 -19.20
N SER A 544 2.52 49.42 -19.76
CA SER A 544 1.83 50.41 -20.54
C SER A 544 1.19 51.50 -19.72
N LEU A 545 0.65 51.13 -18.55
CA LEU A 545 -0.07 52.09 -17.74
C LEU A 545 0.79 53.03 -16.91
N ILE A 546 2.02 52.68 -16.53
CA ILE A 546 2.88 53.56 -15.76
C ILE A 546 3.55 54.43 -16.80
N ASN A 547 3.23 55.71 -16.72
CA ASN A 547 3.82 56.69 -17.60
C ASN A 547 5.19 57.07 -17.05
N ASN A 548 6.18 56.61 -17.77
CA ASN A 548 7.56 56.81 -17.36
C ASN A 548 8.33 57.02 -18.65
N PRO A 549 8.19 58.19 -19.31
CA PRO A 549 8.85 58.47 -20.58
C PRO A 549 10.34 58.63 -20.40
N LYS A 550 11.02 58.81 -21.51
CA LYS A 550 12.44 59.03 -21.52
C LYS A 550 12.71 59.98 -22.67
N ASN A 551 13.19 61.18 -22.33
CA ASN A 551 13.69 62.17 -23.27
C ASN A 551 12.65 62.91 -24.14
N PRO A 552 11.33 62.80 -23.96
CA PRO A 552 10.54 63.66 -23.07
C PRO A 552 11.23 63.95 -21.72
N SER B 1 31.83 -40.63 -0.76
CA SER B 1 32.04 -40.28 0.62
C SER B 1 33.25 -39.33 0.50
N GLN B 2 33.28 -38.28 1.32
CA GLN B 2 34.32 -37.27 1.33
C GLN B 2 33.97 -36.39 2.53
N ILE B 3 34.92 -35.84 3.28
CA ILE B 3 34.57 -34.93 4.36
C ILE B 3 34.82 -33.52 3.85
N ARG B 4 33.84 -32.67 4.10
CA ARG B 4 33.85 -31.28 3.70
C ARG B 4 33.97 -30.55 5.01
N HIS B 5 35.08 -29.87 5.23
CA HIS B 5 35.33 -29.18 6.49
C HIS B 5 35.26 -27.67 6.31
N TYR B 6 34.47 -26.99 7.12
CA TYR B 6 34.35 -25.54 7.05
C TYR B 6 34.76 -24.96 8.39
N LYS B 7 35.50 -23.87 8.27
CA LYS B 7 36.02 -23.12 9.40
C LYS B 7 35.24 -21.81 9.28
N TRP B 8 34.29 -21.52 10.19
CA TRP B 8 33.39 -20.37 10.11
C TRP B 8 33.26 -19.53 11.40
N GLU B 9 33.11 -18.21 11.26
CA GLU B 9 32.83 -17.31 12.39
C GLU B 9 31.61 -16.47 12.10
N VAL B 10 30.74 -16.24 13.09
CA VAL B 10 29.58 -15.39 12.89
C VAL B 10 29.84 -14.15 13.75
N GLU B 11 29.78 -13.02 13.07
CA GLU B 11 30.02 -11.74 13.67
C GLU B 11 29.07 -10.72 13.07
N TYR B 12 28.58 -9.75 13.85
CA TYR B 12 27.75 -8.67 13.32
C TYR B 12 28.72 -7.75 12.60
N MET B 13 28.32 -7.23 11.45
CA MET B 13 29.14 -6.33 10.65
C MET B 13 28.25 -5.31 10.00
N PHE B 14 28.79 -4.15 9.63
CA PHE B 14 27.99 -3.13 8.98
C PHE B 14 27.85 -3.49 7.50
N TRP B 15 26.65 -3.45 6.94
CA TRP B 15 26.47 -3.79 5.54
C TRP B 15 25.20 -3.08 5.06
N ALA B 16 25.04 -2.93 3.74
CA ALA B 16 23.85 -2.29 3.22
C ALA B 16 23.12 -3.05 2.10
N PRO B 17 22.26 -4.04 2.42
CA PRO B 17 21.49 -4.85 1.49
C PRO B 17 20.80 -4.07 0.38
N ASN B 18 20.13 -2.99 0.75
CA ASN B 18 19.44 -2.13 -0.19
C ASN B 18 20.06 -0.74 -0.24
N CYS B 19 21.38 -0.68 -0.03
CA CYS B 19 22.19 0.53 0.02
C CYS B 19 21.89 1.55 1.13
N ASN B 20 21.38 1.04 2.23
CA ASN B 20 21.04 1.84 3.38
C ASN B 20 21.75 1.00 4.41
N GLU B 21 22.72 1.61 5.10
CA GLU B 21 23.53 0.87 6.05
C GLU B 21 22.78 0.39 7.28
N ASN B 22 23.11 -0.79 7.77
CA ASN B 22 22.57 -1.28 9.02
C ASN B 22 23.54 -2.37 9.48
N ILE B 23 23.26 -3.16 10.49
CA ILE B 23 24.14 -4.25 10.80
C ILE B 23 23.45 -5.56 10.39
N VAL B 24 24.33 -6.42 9.93
CA VAL B 24 23.94 -7.69 9.37
C VAL B 24 24.76 -8.74 10.09
N MET B 25 24.24 -9.95 10.25
CA MET B 25 24.95 -10.99 10.95
C MET B 25 25.64 -11.73 9.82
N GLY B 26 26.97 -11.62 9.66
CA GLY B 26 27.69 -12.20 8.55
C GLY B 26 28.60 -13.37 8.95
N ILE B 27 28.91 -14.27 8.01
CA ILE B 27 29.75 -15.41 8.31
C ILE B 27 31.01 -15.17 7.50
N ASN B 28 32.18 -15.28 8.15
CA ASN B 28 33.48 -15.05 7.55
C ASN B 28 33.52 -13.76 6.74
N GLY B 29 32.97 -12.70 7.33
CA GLY B 29 32.96 -11.38 6.73
C GLY B 29 32.00 -11.24 5.57
N GLN B 30 31.07 -12.15 5.28
CA GLN B 30 30.16 -11.93 4.16
C GLN B 30 28.72 -12.17 4.52
N PHE B 31 27.89 -11.52 3.72
CA PHE B 31 26.43 -11.54 3.79
C PHE B 31 25.98 -11.75 2.33
N PRO B 32 25.08 -12.69 1.94
CA PRO B 32 24.67 -13.87 2.69
C PRO B 32 25.83 -14.80 3.04
N GLY B 33 25.55 -15.87 3.77
CA GLY B 33 26.56 -16.83 4.17
C GLY B 33 27.24 -17.50 2.98
N PRO B 34 28.38 -18.18 3.17
CA PRO B 34 29.01 -19.00 2.14
C PRO B 34 28.13 -20.19 1.76
N THR B 35 28.11 -20.55 0.49
CA THR B 35 27.42 -21.75 0.07
C THR B 35 28.18 -23.03 0.43
N ILE B 36 27.51 -24.06 0.93
CA ILE B 36 28.11 -25.37 1.12
C ILE B 36 27.72 -26.15 -0.13
N ARG B 37 28.65 -26.79 -0.84
CA ARG B 37 28.26 -27.64 -1.96
C ARG B 37 29.01 -28.95 -1.75
N ALA B 38 28.29 -30.04 -1.71
CA ALA B 38 28.89 -31.33 -1.47
C ALA B 38 28.09 -32.35 -2.24
N ASN B 39 28.46 -33.62 -2.26
CA ASN B 39 27.68 -34.64 -2.96
C ASN B 39 27.03 -35.47 -1.88
N ALA B 40 25.91 -36.09 -2.20
CA ALA B 40 25.19 -36.92 -1.28
C ALA B 40 26.04 -38.09 -0.77
N GLY B 41 25.96 -38.28 0.53
CA GLY B 41 26.73 -39.28 1.25
C GLY B 41 28.01 -38.68 1.82
N ASP B 42 28.42 -37.46 1.49
CA ASP B 42 29.63 -36.88 2.11
C ASP B 42 29.36 -36.56 3.58
N SER B 43 30.35 -36.12 4.34
CA SER B 43 30.12 -35.74 5.73
C SER B 43 30.54 -34.28 5.80
N VAL B 44 29.68 -33.43 6.33
CA VAL B 44 29.94 -32.02 6.45
C VAL B 44 30.34 -31.77 7.90
N VAL B 45 31.46 -31.09 8.14
CA VAL B 45 31.94 -30.76 9.46
C VAL B 45 32.04 -29.24 9.43
N VAL B 46 31.37 -28.52 10.32
CA VAL B 46 31.45 -27.07 10.36
C VAL B 46 31.86 -26.77 11.78
N GLU B 47 32.98 -26.09 11.93
CA GLU B 47 33.35 -25.65 13.25
C GLU B 47 33.12 -24.15 13.26
N LEU B 48 32.07 -23.90 14.02
CA LEU B 48 31.56 -22.57 14.15
C LEU B 48 32.15 -21.93 15.36
N THR B 49 32.68 -20.72 15.21
CA THR B 49 33.15 -19.93 16.34
C THR B 49 32.23 -18.71 16.47
N ASN B 50 31.55 -18.64 17.61
CA ASN B 50 30.62 -17.54 17.91
C ASN B 50 31.43 -16.27 18.21
N LYS B 51 31.49 -15.25 17.33
CA LYS B 51 32.24 -14.02 17.57
C LYS B 51 31.35 -12.82 17.92
N LEU B 52 30.16 -13.15 18.40
CA LEU B 52 29.23 -12.14 18.90
C LEU B 52 29.66 -11.83 20.32
N HIS B 53 29.31 -10.62 20.80
CA HIS B 53 29.82 -10.15 22.08
C HIS B 53 29.06 -10.62 23.29
N THR B 54 27.72 -10.48 23.27
CA THR B 54 26.89 -10.89 24.41
C THR B 54 25.83 -11.96 24.12
N GLU B 55 25.69 -12.39 22.86
CA GLU B 55 24.67 -13.32 22.42
C GLU B 55 25.16 -14.70 22.05
N GLY B 56 24.24 -15.64 22.21
CA GLY B 56 24.45 -17.01 21.81
C GLY B 56 24.09 -17.15 20.32
N VAL B 57 24.56 -18.19 19.66
CA VAL B 57 24.20 -18.44 18.28
C VAL B 57 24.01 -19.94 18.09
N VAL B 58 23.24 -20.36 17.11
CA VAL B 58 23.04 -21.75 16.70
C VAL B 58 22.89 -21.67 15.18
N ILE B 59 23.15 -22.71 14.37
CA ILE B 59 22.85 -22.66 12.93
C ILE B 59 22.01 -23.92 12.68
N HIS B 60 20.91 -23.84 11.95
CA HIS B 60 20.08 -25.00 11.62
C HIS B 60 20.22 -25.17 10.12
N TRP B 61 20.28 -26.44 9.75
CA TRP B 61 20.53 -26.84 8.37
C TRP B 61 19.18 -27.29 7.83
N HIS B 62 18.46 -26.36 7.20
CA HIS B 62 17.08 -26.57 6.83
C HIS B 62 16.97 -27.56 5.68
N GLY B 63 16.27 -28.64 5.99
CA GLY B 63 16.00 -29.68 5.01
C GLY B 63 16.86 -30.93 5.21
N ILE B 64 17.97 -30.83 5.95
CA ILE B 64 18.83 -31.98 6.19
C ILE B 64 18.21 -32.75 7.35
N LEU B 65 18.18 -34.08 7.24
CA LEU B 65 17.47 -34.94 8.18
C LEU B 65 18.10 -35.21 9.54
N GLN B 66 19.42 -35.03 9.74
CA GLN B 66 20.12 -35.26 11.02
C GLN B 66 19.95 -36.68 11.52
N ARG B 67 19.95 -37.52 10.52
CA ARG B 67 19.80 -38.96 10.65
C ARG B 67 21.05 -39.46 11.36
N GLY B 68 20.93 -39.83 12.62
CA GLY B 68 22.05 -40.32 13.39
C GLY B 68 22.64 -39.22 14.29
N THR B 69 22.47 -37.93 13.92
CA THR B 69 23.07 -36.80 14.61
C THR B 69 22.06 -35.75 15.14
N PRO B 70 21.06 -36.07 15.98
CA PRO B 70 20.01 -35.13 16.37
C PRO B 70 20.49 -33.86 17.12
N TRP B 71 21.66 -34.02 17.76
CA TRP B 71 22.37 -32.96 18.45
C TRP B 71 22.93 -31.89 17.49
N ALA B 72 22.85 -32.02 16.17
CA ALA B 72 23.41 -31.02 15.28
C ALA B 72 22.35 -30.30 14.48
N ASP B 73 21.10 -30.49 14.86
CA ASP B 73 19.98 -29.84 14.21
C ASP B 73 20.07 -28.32 14.36
N GLY B 74 20.61 -27.77 15.45
CA GLY B 74 20.83 -26.34 15.57
C GLY B 74 19.59 -25.55 15.96
N THR B 75 18.83 -26.09 16.90
CA THR B 75 17.64 -25.45 17.41
C THR B 75 17.92 -25.27 18.89
N ALA B 76 18.10 -24.01 19.32
CA ALA B 76 18.39 -23.71 20.72
C ALA B 76 17.21 -24.17 21.57
N SER B 77 17.52 -24.70 22.73
CA SER B 77 16.52 -25.25 23.66
C SER B 77 15.80 -26.49 23.19
N ILE B 78 16.18 -27.08 22.05
CA ILE B 78 15.56 -28.32 21.62
C ILE B 78 16.68 -29.32 21.36
N SER B 79 17.61 -29.08 20.44
CA SER B 79 18.68 -30.05 20.22
C SER B 79 19.90 -29.66 21.05
N GLN B 80 20.07 -28.36 21.27
CA GLN B 80 21.22 -27.90 22.02
C GLN B 80 21.05 -26.63 22.84
N CYS B 81 21.97 -26.45 23.77
CA CYS B 81 22.20 -25.17 24.40
C CYS B 81 22.85 -24.32 23.30
N ALA B 82 22.65 -23.00 23.24
CA ALA B 82 23.28 -22.16 22.22
C ALA B 82 24.76 -21.99 22.51
N ILE B 83 25.51 -21.72 21.46
CA ILE B 83 26.95 -21.57 21.56
C ILE B 83 27.19 -20.19 22.15
N ASN B 84 27.92 -20.21 23.26
CA ASN B 84 28.29 -18.97 23.96
C ASN B 84 29.31 -18.13 23.24
N PRO B 85 29.35 -16.81 23.40
CA PRO B 85 30.42 -15.96 22.88
C PRO B 85 31.86 -16.53 22.99
N GLY B 86 32.66 -16.47 21.94
CA GLY B 86 34.01 -16.98 21.95
C GLY B 86 34.13 -18.50 21.88
N GLU B 87 33.06 -19.30 21.99
CA GLU B 87 33.22 -20.74 21.90
C GLU B 87 33.05 -21.32 20.51
N THR B 88 33.61 -22.51 20.32
CA THR B 88 33.58 -23.20 19.04
C THR B 88 32.84 -24.50 19.23
N PHE B 89 31.90 -24.77 18.33
CA PHE B 89 31.08 -25.97 18.34
C PHE B 89 31.25 -26.62 16.97
N PHE B 90 31.16 -27.95 16.92
CA PHE B 90 31.24 -28.70 15.67
C PHE B 90 29.88 -29.28 15.30
N TYR B 91 29.48 -29.05 14.06
CA TYR B 91 28.26 -29.57 13.50
C TYR B 91 28.76 -30.58 12.48
N ASN B 92 28.52 -31.87 12.71
CA ASN B 92 29.04 -32.89 11.82
C ASN B 92 27.82 -33.71 11.53
N PHE B 93 27.51 -33.82 10.26
CA PHE B 93 26.35 -34.56 9.79
C PHE B 93 26.61 -35.07 8.37
N THR B 94 25.74 -35.93 7.92
CA THR B 94 25.78 -36.55 6.62
C THR B 94 24.69 -35.92 5.76
N VAL B 95 24.97 -35.51 4.52
CA VAL B 95 23.92 -35.01 3.65
C VAL B 95 23.42 -36.25 2.89
N ASP B 96 22.18 -36.67 3.11
CA ASP B 96 21.71 -37.91 2.53
C ASP B 96 21.29 -37.91 1.08
N ASN B 97 20.69 -36.86 0.58
CA ASN B 97 20.15 -36.86 -0.77
C ASN B 97 20.36 -35.54 -1.47
N PRO B 98 20.58 -35.54 -2.80
CA PRO B 98 20.72 -34.33 -3.60
C PRO B 98 19.52 -33.41 -3.49
N GLY B 99 19.73 -32.12 -3.75
CA GLY B 99 18.67 -31.16 -3.68
C GLY B 99 19.18 -29.79 -3.35
N THR B 100 18.20 -28.90 -3.27
CA THR B 100 18.43 -27.50 -2.93
C THR B 100 18.00 -27.31 -1.48
N PHE B 101 18.97 -27.01 -0.62
CA PHE B 101 18.70 -26.76 0.79
C PHE B 101 19.38 -25.43 1.15
N PHE B 102 19.21 -24.98 2.38
CA PHE B 102 19.81 -23.75 2.87
C PHE B 102 19.96 -23.92 4.36
N TYR B 103 20.63 -22.96 4.99
CA TYR B 103 20.78 -22.98 6.42
C TYR B 103 20.42 -21.60 6.94
N HIS B 104 20.00 -21.48 8.19
CA HIS B 104 19.57 -20.19 8.70
C HIS B 104 19.62 -20.19 10.22
N GLY B 105 19.70 -19.01 10.83
CA GLY B 105 19.65 -18.89 12.27
C GLY B 105 18.37 -19.48 12.87
N HIS B 106 18.47 -20.05 14.07
CA HIS B 106 17.33 -20.65 14.72
C HIS B 106 17.38 -20.42 16.23
N LEU B 107 17.84 -19.22 16.65
CA LEU B 107 17.75 -18.77 18.05
C LEU B 107 17.14 -17.38 17.98
N GLY B 108 16.07 -17.09 18.74
CA GLY B 108 15.42 -15.79 18.71
C GLY B 108 14.99 -15.44 17.29
N MET B 109 15.18 -14.21 16.84
CA MET B 109 14.83 -13.88 15.49
C MET B 109 16.11 -13.56 14.71
N GLN B 110 17.19 -14.26 15.02
CA GLN B 110 18.49 -13.97 14.42
C GLN B 110 18.54 -14.23 12.93
N ARG B 111 17.73 -15.13 12.33
CA ARG B 111 17.84 -15.33 10.90
C ARG B 111 17.42 -14.09 10.16
N SER B 112 16.42 -13.33 10.65
CA SER B 112 15.98 -12.11 9.98
C SER B 112 17.08 -11.06 9.94
N ALA B 113 18.10 -11.21 10.80
CA ALA B 113 19.23 -10.32 10.88
C ALA B 113 20.29 -10.63 9.85
N GLY B 114 20.04 -11.61 9.00
CA GLY B 114 20.96 -11.91 7.93
C GLY B 114 21.69 -13.23 8.08
N LEU B 115 21.47 -14.02 9.14
CA LEU B 115 22.17 -15.28 9.26
C LEU B 115 21.50 -16.41 8.46
N TYR B 116 21.90 -16.57 7.20
CA TYR B 116 21.42 -17.62 6.32
C TYR B 116 22.32 -17.76 5.11
N GLY B 117 22.26 -18.84 4.33
CA GLY B 117 23.07 -19.03 3.12
C GLY B 117 22.69 -20.33 2.40
N SER B 118 23.29 -20.71 1.26
CA SER B 118 22.90 -21.94 0.56
C SER B 118 23.60 -23.26 0.87
N LEU B 119 22.91 -24.39 0.78
CA LEU B 119 23.56 -25.66 1.04
C LEU B 119 23.09 -26.50 -0.15
N ILE B 120 23.90 -26.82 -1.16
CA ILE B 120 23.46 -27.63 -2.30
C ILE B 120 24.15 -28.98 -2.29
N VAL B 121 23.35 -30.02 -2.37
CA VAL B 121 23.87 -31.37 -2.36
C VAL B 121 23.68 -31.90 -3.78
N ASP B 122 24.78 -32.26 -4.43
CA ASP B 122 24.73 -32.87 -5.75
C ASP B 122 24.51 -34.37 -5.65
N PRO B 123 24.11 -35.09 -6.71
CA PRO B 123 24.08 -36.56 -6.75
C PRO B 123 25.35 -37.22 -6.22
N PRO B 124 25.24 -38.48 -5.76
CA PRO B 124 26.36 -39.35 -5.47
C PRO B 124 27.40 -39.25 -6.57
N GLN B 125 28.62 -39.32 -6.09
CA GLN B 125 29.81 -39.14 -6.88
C GLN B 125 29.81 -40.11 -8.07
N GLY B 126 29.55 -39.59 -9.26
CA GLY B 126 29.54 -40.41 -10.47
C GLY B 126 28.15 -40.62 -11.08
N LYS B 127 27.07 -40.29 -10.35
CA LYS B 127 25.71 -40.41 -10.87
C LYS B 127 25.26 -39.09 -11.48
N LYS B 128 24.23 -39.12 -12.32
CA LYS B 128 23.73 -37.91 -12.92
C LYS B 128 22.30 -37.63 -12.44
N GLU B 129 21.89 -36.37 -12.61
CA GLU B 129 20.53 -35.94 -12.30
C GLU B 129 19.59 -36.52 -13.34
N PRO B 130 18.33 -36.84 -13.00
CA PRO B 130 17.32 -37.31 -13.95
C PRO B 130 16.79 -36.33 -14.99
N PHE B 131 17.53 -35.30 -15.40
CA PHE B 131 17.11 -34.34 -16.40
C PHE B 131 18.36 -33.62 -16.85
N HIS B 132 18.31 -32.86 -17.96
CA HIS B 132 19.52 -32.26 -18.51
C HIS B 132 19.41 -30.74 -18.61
N TYR B 133 20.49 -30.09 -18.21
CA TYR B 133 20.64 -28.67 -18.33
C TYR B 133 22.13 -28.43 -18.47
N ASP B 134 22.39 -27.28 -19.07
CA ASP B 134 23.74 -26.83 -19.39
C ASP B 134 24.35 -25.94 -18.32
N GLY B 135 23.53 -25.38 -17.46
CA GLY B 135 24.05 -24.54 -16.41
C GLY B 135 22.99 -24.47 -15.34
N GLU B 136 23.32 -23.80 -14.25
CA GLU B 136 22.36 -23.61 -13.18
C GLU B 136 22.61 -22.23 -12.59
N ILE B 137 21.62 -21.74 -11.85
CA ILE B 137 21.65 -20.41 -11.29
C ILE B 137 21.10 -20.63 -9.89
N ASN B 138 21.71 -19.99 -8.92
CA ASN B 138 21.30 -20.17 -7.55
C ASN B 138 20.81 -18.81 -7.07
N LEU B 139 19.59 -18.88 -6.57
CA LEU B 139 18.89 -17.73 -6.05
C LEU B 139 18.35 -18.06 -4.65
N LEU B 140 18.60 -17.19 -3.67
CA LEU B 140 18.09 -17.33 -2.32
C LEU B 140 17.27 -16.08 -2.05
N LEU B 141 16.01 -16.23 -1.71
CA LEU B 141 15.12 -15.12 -1.50
C LEU B 141 14.98 -14.80 -0.02
N SER B 142 14.99 -13.54 0.37
CA SER B 142 14.75 -13.20 1.76
C SER B 142 14.14 -11.81 1.78
N ASP B 143 13.87 -11.27 2.96
CA ASP B 143 13.27 -9.95 3.07
C ASP B 143 13.96 -9.23 4.20
N TRP B 144 13.82 -7.90 4.21
CA TRP B 144 14.64 -7.08 5.06
C TRP B 144 13.90 -5.85 5.60
N TRP B 145 13.97 -5.63 6.89
CA TRP B 145 13.32 -4.51 7.56
C TRP B 145 14.43 -3.54 7.95
N HIS B 146 14.09 -2.27 8.14
CA HIS B 146 15.12 -1.29 8.48
C HIS B 146 15.25 -1.10 9.98
N GLN B 147 14.34 -1.67 10.76
CA GLN B 147 14.34 -1.51 12.19
C GLN B 147 15.15 -2.69 12.65
N SER B 148 15.80 -2.47 13.79
CA SER B 148 16.51 -3.52 14.50
C SER B 148 15.73 -4.77 14.83
N ILE B 149 16.39 -5.92 14.74
CA ILE B 149 15.77 -7.16 15.13
C ILE B 149 15.50 -7.18 16.63
N HIS B 150 16.39 -6.59 17.41
CA HIS B 150 16.22 -6.56 18.86
C HIS B 150 15.14 -5.57 19.25
N LYS B 151 14.84 -4.57 18.44
CA LYS B 151 13.75 -3.68 18.73
C LYS B 151 12.46 -4.34 18.21
N GLN B 152 12.57 -5.18 17.18
CA GLN B 152 11.43 -5.94 16.64
C GLN B 152 10.97 -6.96 17.65
N GLU B 153 11.94 -7.71 18.21
CA GLU B 153 11.70 -8.73 19.22
C GLU B 153 11.08 -8.11 20.46
N VAL B 154 11.53 -6.94 20.93
CA VAL B 154 10.91 -6.31 22.10
C VAL B 154 9.52 -5.86 21.67
N GLY B 155 9.29 -5.31 20.47
CA GLY B 155 7.96 -4.89 20.08
C GLY B 155 6.92 -6.00 20.05
N LEU B 156 7.29 -7.23 19.68
CA LEU B 156 6.35 -8.34 19.65
C LEU B 156 6.18 -8.94 21.02
N SER B 157 7.00 -8.59 22.01
CA SER B 157 6.83 -9.11 23.35
C SER B 157 6.10 -8.07 24.22
N SER B 158 5.88 -6.85 23.72
CA SER B 158 5.25 -5.79 24.47
C SER B 158 3.75 -5.99 24.53
N LYS B 159 3.15 -5.30 25.49
CA LYS B 159 1.71 -5.30 25.67
C LYS B 159 1.47 -3.81 25.65
N PRO B 160 0.82 -3.12 24.71
CA PRO B 160 0.36 -3.63 23.41
C PRO B 160 1.39 -3.99 22.34
N ILE B 161 1.17 -5.07 21.59
CA ILE B 161 2.10 -5.48 20.54
C ILE B 161 2.36 -4.43 19.46
N ARG B 162 3.63 -4.31 19.12
CA ARG B 162 4.02 -3.43 18.04
C ARG B 162 4.41 -4.41 16.94
N TRP B 163 3.56 -4.47 15.92
CA TRP B 163 3.76 -5.37 14.81
C TRP B 163 4.89 -4.80 13.97
N ILE B 164 5.74 -5.72 13.51
CA ILE B 164 6.93 -5.37 12.75
C ILE B 164 6.60 -4.76 11.39
N GLY B 165 5.41 -4.98 10.86
CA GLY B 165 5.03 -4.41 9.57
C GLY B 165 5.57 -5.21 8.39
N GLU B 166 5.17 -4.74 7.20
CA GLU B 166 5.55 -5.35 5.93
C GLU B 166 7.01 -5.02 5.70
N PRO B 167 7.82 -5.92 5.11
CA PRO B 167 9.22 -5.66 4.86
C PRO B 167 9.50 -4.46 3.99
N GLN B 168 10.71 -3.91 4.11
CA GLN B 168 11.06 -2.74 3.32
C GLN B 168 11.61 -3.16 1.99
N THR B 169 12.39 -4.24 1.98
CA THR B 169 13.00 -4.66 0.72
C THR B 169 13.02 -6.17 0.58
N ILE B 170 12.67 -6.65 -0.61
CA ILE B 170 12.76 -8.07 -0.98
C ILE B 170 14.21 -8.21 -1.47
N LEU B 171 14.95 -9.22 -1.03
CA LEU B 171 16.34 -9.42 -1.42
C LEU B 171 16.47 -10.69 -2.27
N LEU B 172 17.26 -10.59 -3.33
CA LEU B 172 17.55 -11.68 -4.27
C LEU B 172 19.06 -11.81 -4.15
N ASN B 173 19.48 -12.87 -3.46
CA ASN B 173 20.87 -13.16 -3.13
C ASN B 173 21.52 -12.01 -2.35
N GLY B 174 20.71 -11.53 -1.42
CA GLY B 174 21.13 -10.50 -0.50
C GLY B 174 21.05 -9.07 -1.02
N ARG B 175 20.69 -8.75 -2.28
CA ARG B 175 20.61 -7.37 -2.74
C ARG B 175 19.17 -7.01 -3.09
N GLY B 176 18.86 -5.72 -3.02
CA GLY B 176 17.53 -5.22 -3.32
C GLY B 176 17.58 -3.70 -3.34
N GLN B 177 16.50 -3.06 -3.75
CA GLN B 177 16.51 -1.61 -3.87
C GLN B 177 15.36 -1.04 -3.09
N PHE B 178 15.60 0.11 -2.47
CA PHE B 178 14.62 0.76 -1.60
C PHE B 178 14.43 2.19 -2.10
N ASP B 179 13.20 2.67 -2.20
CA ASP B 179 12.85 4.02 -2.65
C ASP B 179 13.15 4.38 -4.10
N CYS B 180 13.75 3.47 -4.86
CA CYS B 180 14.00 3.67 -6.27
C CYS B 180 13.78 2.31 -6.94
N SER B 181 13.70 2.28 -8.25
CA SER B 181 13.46 1.07 -9.00
C SER B 181 14.42 1.04 -10.19
N ILE B 182 14.98 -0.12 -10.50
CA ILE B 182 15.78 -0.28 -11.71
C ILE B 182 14.83 -0.32 -12.92
N ALA B 183 13.52 -0.50 -12.68
CA ALA B 183 12.52 -0.50 -13.74
C ALA B 183 11.71 0.78 -13.81
N ALA B 184 12.35 1.88 -13.41
CA ALA B 184 11.69 3.19 -13.40
C ALA B 184 11.29 3.68 -14.79
N LYS B 185 11.88 3.12 -15.86
CA LYS B 185 11.60 3.51 -17.24
C LYS B 185 10.12 3.49 -17.62
N TYR B 186 9.42 2.48 -17.14
CA TYR B 186 8.04 2.25 -17.54
C TYR B 186 7.07 3.10 -16.72
N ASP B 187 7.55 3.90 -15.76
CA ASP B 187 6.61 4.65 -14.94
C ASP B 187 7.24 5.92 -14.42
N SER B 188 6.72 7.07 -14.83
CA SER B 188 7.12 8.38 -14.34
C SER B 188 7.01 8.57 -12.84
N ASN B 189 6.10 7.83 -12.19
CA ASN B 189 5.92 7.90 -10.74
C ASN B 189 6.94 7.09 -9.98
N LEU B 190 7.89 6.44 -10.63
CA LEU B 190 8.90 5.69 -9.93
C LEU B 190 10.20 6.47 -10.04
N GLU B 191 11.10 6.27 -9.09
CA GLU B 191 12.35 7.00 -9.04
C GLU B 191 13.42 6.10 -9.63
N PRO B 192 14.29 6.53 -10.54
CA PRO B 192 15.45 5.77 -11.01
C PRO B 192 16.53 5.60 -9.96
N CYS B 193 17.15 4.43 -9.92
CA CYS B 193 18.25 4.19 -9.00
C CYS B 193 19.55 4.62 -9.65
N LYS B 194 20.48 5.23 -8.93
CA LYS B 194 21.72 5.69 -9.55
C LYS B 194 22.82 4.70 -9.22
N LEU B 195 22.80 3.57 -9.91
CA LEU B 195 23.75 2.51 -9.63
C LEU B 195 24.68 2.23 -10.79
N LYS B 196 25.93 1.91 -10.48
CA LYS B 196 26.93 1.55 -11.48
C LYS B 196 27.16 0.03 -11.61
N GLY B 197 26.56 -0.85 -10.81
CA GLY B 197 26.80 -2.29 -10.91
C GLY B 197 27.71 -2.81 -9.82
N SER B 198 28.53 -1.92 -9.27
CA SER B 198 29.50 -2.26 -8.26
C SER B 198 29.00 -2.32 -6.82
N GLU B 199 27.83 -1.75 -6.59
CA GLU B 199 27.35 -1.52 -5.23
C GLU B 199 26.81 -2.76 -4.51
N SER B 200 26.70 -2.69 -3.19
CA SER B 200 26.21 -3.78 -2.37
C SER B 200 24.76 -4.10 -2.69
N CYS B 201 23.97 -3.11 -3.17
CA CYS B 201 22.58 -3.35 -3.53
C CYS B 201 22.31 -3.51 -5.03
N ALA B 202 23.36 -3.59 -5.84
CA ALA B 202 23.20 -3.70 -7.27
C ALA B 202 22.71 -5.12 -7.56
N PRO B 203 21.70 -5.34 -8.42
CA PRO B 203 21.09 -6.64 -8.67
C PRO B 203 22.01 -7.76 -9.17
N TYR B 204 21.87 -8.99 -8.66
CA TYR B 204 22.66 -10.13 -9.12
C TYR B 204 22.12 -10.52 -10.48
N ILE B 205 22.83 -10.26 -11.57
CA ILE B 205 22.31 -10.52 -12.90
C ILE B 205 22.51 -11.96 -13.30
N PHE B 206 21.53 -12.49 -14.01
CA PHE B 206 21.57 -13.86 -14.46
C PHE B 206 22.03 -13.82 -15.91
N HIS B 207 23.25 -14.26 -16.16
CA HIS B 207 23.88 -14.39 -17.46
C HIS B 207 23.59 -15.75 -18.07
N VAL B 208 23.03 -15.76 -19.27
CA VAL B 208 22.70 -16.97 -20.00
C VAL B 208 23.12 -16.77 -21.45
N SER B 209 23.41 -17.88 -22.15
CA SER B 209 23.75 -17.89 -23.58
C SER B 209 22.48 -18.36 -24.28
N PRO B 210 22.13 -18.00 -25.52
CA PRO B 210 20.88 -18.39 -26.16
C PRO B 210 20.89 -19.88 -26.47
N LYS B 211 19.70 -20.43 -26.71
CA LYS B 211 19.50 -21.86 -26.98
C LYS B 211 20.09 -22.84 -25.96
N LYS B 212 20.21 -22.51 -24.68
CA LYS B 212 20.64 -23.46 -23.67
C LYS B 212 19.55 -23.64 -22.63
N THR B 213 19.63 -24.69 -21.81
CA THR B 213 18.65 -25.00 -20.77
C THR B 213 19.36 -24.85 -19.44
N TYR B 214 18.75 -24.27 -18.40
CA TYR B 214 19.38 -24.02 -17.12
C TYR B 214 18.50 -24.50 -15.98
N ARG B 215 19.12 -24.87 -14.85
CA ARG B 215 18.44 -25.23 -13.61
C ARG B 215 18.51 -24.03 -12.66
N ILE B 216 17.42 -23.30 -12.44
CA ILE B 216 17.41 -22.20 -11.49
C ILE B 216 16.84 -22.79 -10.21
N ARG B 217 17.74 -22.83 -9.23
CA ARG B 217 17.46 -23.33 -7.88
C ARG B 217 16.96 -22.14 -7.04
N ILE B 218 15.75 -22.19 -6.47
CA ILE B 218 15.12 -21.08 -5.75
C ILE B 218 14.72 -21.54 -4.35
N ALA B 219 15.20 -20.86 -3.31
CA ALA B 219 14.90 -21.24 -1.96
C ALA B 219 14.42 -20.02 -1.20
N SER B 220 13.57 -20.19 -0.19
CA SER B 220 13.08 -19.08 0.59
C SER B 220 13.40 -19.16 2.09
N THR B 221 13.95 -18.10 2.64
CA THR B 221 14.24 -17.98 4.08
C THR B 221 13.62 -16.65 4.45
N THR B 222 12.44 -16.28 3.96
CA THR B 222 11.90 -14.98 4.29
C THR B 222 11.40 -15.02 5.74
N ALA B 223 11.47 -13.96 6.53
CA ALA B 223 10.84 -13.95 7.84
C ALA B 223 9.34 -13.90 7.71
N LEU B 224 8.84 -13.22 6.68
CA LEU B 224 7.41 -13.07 6.57
C LEU B 224 6.80 -13.31 5.19
N ALA B 225 7.43 -12.76 4.16
CA ALA B 225 6.85 -12.71 2.83
C ALA B 225 6.66 -14.01 2.06
N ALA B 226 5.53 -14.12 1.38
CA ALA B 226 5.26 -15.20 0.44
C ALA B 226 5.49 -14.47 -0.87
N LEU B 227 6.30 -15.06 -1.75
CA LEU B 227 6.65 -14.39 -2.98
C LEU B 227 6.21 -15.20 -4.19
N ASN B 228 6.20 -14.59 -5.38
CA ASN B 228 5.85 -15.23 -6.64
C ASN B 228 6.96 -14.88 -7.60
N PHE B 229 7.60 -15.91 -8.16
CA PHE B 229 8.75 -15.78 -9.07
C PHE B 229 8.28 -15.91 -10.50
N ALA B 230 8.72 -15.03 -11.41
CA ALA B 230 8.30 -15.08 -12.80
C ALA B 230 9.36 -14.49 -13.73
N ILE B 231 9.61 -15.07 -14.93
CA ILE B 231 10.56 -14.54 -15.88
C ILE B 231 9.81 -14.13 -17.16
N GLY B 232 10.09 -12.92 -17.63
CA GLY B 232 9.49 -12.38 -18.81
C GLY B 232 9.74 -13.24 -20.02
N ASN B 233 8.62 -13.66 -20.60
CA ASN B 233 8.59 -14.43 -21.83
C ASN B 233 9.24 -15.80 -21.63
N HIS B 234 9.18 -16.41 -20.46
CA HIS B 234 9.79 -17.72 -20.22
C HIS B 234 8.95 -18.56 -19.29
N GLN B 235 8.63 -19.76 -19.75
CA GLN B 235 7.80 -20.67 -18.99
C GLN B 235 8.74 -21.53 -18.18
N LEU B 236 8.29 -22.09 -17.08
CA LEU B 236 9.14 -22.81 -16.17
C LEU B 236 8.72 -24.26 -16.10
N LEU B 237 9.68 -25.19 -16.13
CA LEU B 237 9.35 -26.58 -15.93
C LEU B 237 9.79 -26.87 -14.51
N VAL B 238 8.83 -27.21 -13.66
CA VAL B 238 9.12 -27.48 -12.27
C VAL B 238 9.62 -28.90 -12.21
N VAL B 239 10.83 -29.14 -11.68
CA VAL B 239 11.38 -30.48 -11.60
C VAL B 239 11.83 -30.92 -10.22
N GLU B 240 12.04 -30.01 -9.27
CA GLU B 240 12.45 -30.43 -7.93
C GLU B 240 11.68 -29.60 -6.94
N ALA B 241 11.43 -30.12 -5.75
CA ALA B 241 10.81 -29.37 -4.69
C ALA B 241 11.26 -29.96 -3.37
N ASP B 242 11.88 -29.13 -2.52
CA ASP B 242 12.31 -29.51 -1.18
C ASP B 242 13.17 -30.76 -1.17
N GLY B 243 14.22 -30.74 -2.01
CA GLY B 243 15.15 -31.85 -2.14
C GLY B 243 14.62 -33.12 -2.81
N ASN B 244 13.33 -33.16 -3.18
CA ASN B 244 12.72 -34.32 -3.82
C ASN B 244 12.26 -33.99 -5.21
N TYR B 245 12.06 -34.98 -6.06
CA TYR B 245 11.65 -34.70 -7.43
C TYR B 245 10.15 -34.91 -7.56
N VAL B 246 9.58 -34.07 -8.39
CA VAL B 246 8.15 -34.05 -8.60
C VAL B 246 7.81 -34.39 -10.07
N GLN B 247 6.55 -34.73 -10.33
CA GLN B 247 6.05 -35.02 -11.66
C GLN B 247 6.10 -33.69 -12.43
N PRO B 248 6.99 -33.51 -13.41
CA PRO B 248 7.29 -32.24 -14.09
C PRO B 248 6.07 -31.59 -14.72
N PHE B 249 6.01 -30.25 -14.76
CA PHE B 249 4.93 -29.53 -15.40
C PHE B 249 5.39 -28.13 -15.73
N TYR B 250 4.60 -27.43 -16.52
CA TYR B 250 4.94 -26.10 -16.97
C TYR B 250 4.11 -25.06 -16.27
N THR B 251 4.68 -23.87 -16.06
CA THR B 251 3.91 -22.81 -15.46
C THR B 251 4.54 -21.48 -15.79
N SER B 252 3.74 -20.44 -15.85
CA SER B 252 4.28 -19.13 -16.09
C SER B 252 4.97 -18.52 -14.88
N ASP B 253 4.76 -19.02 -13.65
CA ASP B 253 5.31 -18.40 -12.44
C ASP B 253 5.12 -19.31 -11.25
N ILE B 254 5.94 -19.28 -10.21
CA ILE B 254 5.70 -20.16 -9.07
C ILE B 254 5.47 -19.32 -7.84
N ASP B 255 4.71 -19.86 -6.88
CA ASP B 255 4.55 -19.22 -5.58
C ASP B 255 5.52 -19.91 -4.65
N ILE B 256 6.25 -19.17 -3.82
CA ILE B 256 7.12 -19.83 -2.88
C ILE B 256 6.89 -19.16 -1.54
N TYR B 257 6.74 -20.04 -0.57
CA TYR B 257 6.46 -19.67 0.81
C TYR B 257 7.75 -19.89 1.57
N SER B 258 7.90 -19.33 2.77
CA SER B 258 9.15 -19.45 3.49
C SER B 258 9.45 -20.90 3.81
N GLY B 259 10.70 -21.35 3.66
CA GLY B 259 11.04 -22.72 3.96
C GLY B 259 10.97 -23.65 2.77
N GLU B 260 10.35 -23.22 1.68
CA GLU B 260 10.30 -24.05 0.50
C GLU B 260 11.52 -23.84 -0.39
N SER B 261 11.87 -24.83 -1.21
CA SER B 261 12.92 -24.74 -2.21
C SER B 261 12.39 -25.46 -3.44
N TYR B 262 12.83 -25.03 -4.62
CA TYR B 262 12.36 -25.52 -5.89
C TYR B 262 13.50 -25.43 -6.87
N SER B 263 13.46 -26.25 -7.90
CA SER B 263 14.35 -26.09 -9.04
C SER B 263 13.37 -26.07 -10.18
N VAL B 264 13.68 -25.19 -11.08
CA VAL B 264 12.84 -24.94 -12.23
C VAL B 264 13.85 -24.91 -13.38
N LEU B 265 13.53 -25.50 -14.54
CA LEU B 265 14.46 -25.42 -15.66
C LEU B 265 13.91 -24.44 -16.69
N ILE B 266 14.76 -23.68 -17.39
CA ILE B 266 14.31 -22.77 -18.44
C ILE B 266 15.15 -23.04 -19.67
N THR B 267 14.66 -22.77 -20.90
CA THR B 267 15.43 -22.87 -22.06
C THR B 267 15.43 -21.51 -22.72
N THR B 268 16.57 -20.94 -23.13
CA THR B 268 16.62 -19.64 -23.74
C THR B 268 16.19 -19.65 -25.21
N ASP B 269 14.91 -19.89 -25.43
CA ASP B 269 14.30 -19.94 -26.75
C ASP B 269 14.07 -18.58 -27.35
N GLN B 270 13.63 -17.66 -26.49
CA GLN B 270 13.24 -16.34 -26.95
C GLN B 270 14.32 -15.55 -27.68
N ASN B 271 13.85 -14.56 -28.43
CA ASN B 271 14.66 -13.63 -29.20
C ASN B 271 15.94 -13.23 -28.47
N PRO B 272 17.11 -13.55 -29.07
CA PRO B 272 18.41 -13.45 -28.46
C PRO B 272 18.95 -12.03 -28.49
N SER B 273 18.24 -11.11 -29.10
CA SER B 273 18.73 -9.76 -29.20
C SER B 273 18.30 -8.88 -28.02
N GLU B 274 17.80 -9.43 -26.91
CA GLU B 274 17.32 -8.60 -25.81
C GLU B 274 17.39 -9.27 -24.47
N ASN B 275 17.13 -8.46 -23.43
CA ASN B 275 17.14 -8.94 -22.04
C ASN B 275 15.72 -9.10 -21.51
N TYR B 276 15.49 -9.94 -20.47
CA TYR B 276 14.15 -10.19 -19.95
C TYR B 276 14.10 -9.98 -18.45
N TRP B 277 12.96 -9.60 -17.86
CA TRP B 277 12.88 -9.31 -16.42
C TRP B 277 12.62 -10.51 -15.55
N VAL B 278 13.29 -10.55 -14.41
CA VAL B 278 13.03 -11.53 -13.37
C VAL B 278 12.28 -10.70 -12.31
N SER B 279 11.13 -11.14 -11.84
CA SER B 279 10.35 -10.41 -10.89
C SER B 279 9.88 -11.40 -9.85
N VAL B 280 10.06 -10.93 -8.61
CA VAL B 280 9.73 -11.64 -7.40
C VAL B 280 8.90 -10.64 -6.58
N GLY B 281 7.58 -10.80 -6.63
CA GLY B 281 6.65 -9.92 -5.96
C GLY B 281 5.87 -10.58 -4.84
N THR B 282 5.25 -9.74 -3.99
CA THR B 282 4.50 -10.21 -2.82
C THR B 282 3.08 -10.68 -3.16
N ARG B 283 2.72 -11.80 -2.54
CA ARG B 283 1.38 -12.35 -2.61
C ARG B 283 0.97 -12.82 -1.22
N ALA B 284 -0.32 -13.15 -1.05
CA ALA B 284 -0.97 -13.66 0.16
C ALA B 284 -1.14 -12.71 1.33
N ARG B 285 -0.61 -11.50 1.23
CA ARG B 285 -0.78 -10.44 2.21
C ARG B 285 -0.86 -9.20 1.35
N HIS B 286 -1.62 -8.20 1.76
CA HIS B 286 -1.71 -6.95 1.02
C HIS B 286 -0.33 -6.28 0.94
N PRO B 287 0.19 -6.14 -0.29
CA PRO B 287 1.54 -5.70 -0.56
C PRO B 287 1.76 -4.23 -0.25
N ASN B 288 2.97 -3.98 0.21
CA ASN B 288 3.40 -2.63 0.51
C ASN B 288 4.92 -2.68 0.53
N THR B 289 5.47 -3.43 -0.42
CA THR B 289 6.92 -3.63 -0.61
C THR B 289 7.03 -3.73 -2.11
N PRO B 290 7.86 -2.99 -2.87
CA PRO B 290 8.06 -3.21 -4.30
C PRO B 290 8.71 -4.58 -4.57
N PRO B 291 8.54 -5.18 -5.76
CA PRO B 291 9.15 -6.45 -6.10
C PRO B 291 10.67 -6.37 -6.16
N GLY B 292 11.31 -7.52 -5.95
CA GLY B 292 12.73 -7.63 -6.17
C GLY B 292 12.94 -7.91 -7.66
N LEU B 293 13.81 -7.18 -8.33
CA LEU B 293 14.01 -7.33 -9.77
C LEU B 293 15.48 -7.52 -10.13
N THR B 294 15.70 -8.28 -11.22
CA THR B 294 16.99 -8.47 -11.82
C THR B 294 16.76 -8.88 -13.29
N LEU B 295 17.82 -9.11 -14.07
CA LEU B 295 17.73 -9.42 -15.49
C LEU B 295 18.21 -10.80 -15.86
N LEU B 296 17.56 -11.36 -16.87
CA LEU B 296 17.99 -12.59 -17.50
C LEU B 296 18.65 -11.94 -18.70
N ASN B 297 19.96 -11.81 -18.61
CA ASN B 297 20.77 -11.20 -19.64
C ASN B 297 21.32 -12.25 -20.60
N TYR B 298 20.81 -12.13 -21.81
CA TYR B 298 21.21 -12.98 -22.91
C TYR B 298 22.50 -12.39 -23.44
N LEU B 299 23.59 -13.12 -23.26
CA LEU B 299 24.89 -12.66 -23.72
C LEU B 299 24.95 -12.78 -25.25
N PRO B 300 25.54 -11.85 -26.00
CA PRO B 300 26.40 -10.76 -25.52
C PRO B 300 25.69 -9.41 -25.41
N ASN B 301 24.39 -9.37 -25.09
CA ASN B 301 23.69 -8.11 -24.98
C ASN B 301 24.14 -7.38 -23.75
N SER B 302 24.19 -6.06 -23.90
CA SER B 302 24.63 -5.22 -22.82
C SER B 302 23.58 -5.29 -21.71
N VAL B 303 24.11 -5.33 -20.50
CA VAL B 303 23.27 -5.44 -19.33
C VAL B 303 22.47 -4.16 -19.06
N SER B 304 22.88 -3.04 -19.66
CA SER B 304 22.17 -1.79 -19.52
C SER B 304 21.00 -1.66 -20.48
N LYS B 305 20.85 -2.66 -21.36
CA LYS B 305 19.80 -2.67 -22.34
C LYS B 305 18.55 -3.19 -21.63
N LEU B 306 17.61 -2.30 -21.33
CA LEU B 306 16.37 -2.68 -20.67
C LEU B 306 15.56 -3.53 -21.63
N PRO B 307 14.78 -4.47 -21.11
CA PRO B 307 13.64 -5.09 -21.78
C PRO B 307 12.67 -4.11 -22.42
N THR B 308 11.94 -4.58 -23.42
CA THR B 308 10.91 -3.78 -24.06
C THR B 308 9.63 -3.70 -23.23
N SER B 309 9.37 -4.75 -22.45
CA SER B 309 8.19 -4.80 -21.62
C SER B 309 8.55 -4.37 -20.20
N PRO B 310 7.58 -3.88 -19.41
CA PRO B 310 7.68 -3.78 -17.96
C PRO B 310 7.96 -5.13 -17.33
N PRO B 311 8.40 -5.21 -16.07
CA PRO B 311 8.31 -6.46 -15.30
C PRO B 311 6.92 -7.09 -15.33
N PRO B 312 6.79 -8.41 -15.30
CA PRO B 312 5.53 -9.09 -15.09
C PRO B 312 4.88 -8.65 -13.80
N GLN B 313 3.60 -8.33 -13.89
CA GLN B 313 2.86 -7.90 -12.73
C GLN B 313 2.57 -9.16 -11.97
N THR B 314 2.89 -9.08 -10.69
CA THR B 314 2.62 -10.13 -9.74
C THR B 314 1.14 -10.42 -9.74
N PRO B 315 0.66 -11.66 -9.75
CA PRO B 315 -0.76 -12.02 -9.62
C PRO B 315 -1.36 -11.38 -8.37
N ALA B 316 -2.66 -11.11 -8.37
CA ALA B 316 -3.34 -10.50 -7.25
C ALA B 316 -3.04 -11.19 -5.92
N TRP B 317 -2.58 -10.46 -4.90
CA TRP B 317 -2.19 -11.05 -3.63
C TRP B 317 -3.22 -11.99 -3.02
N ASP B 318 -4.51 -11.69 -3.21
CA ASP B 318 -5.56 -12.46 -2.57
C ASP B 318 -6.34 -13.40 -3.45
N ASP B 319 -5.84 -13.74 -4.65
CA ASP B 319 -6.52 -14.75 -5.43
C ASP B 319 -6.07 -16.13 -4.94
N PHE B 320 -6.63 -16.61 -3.83
CA PHE B 320 -6.19 -17.89 -3.27
C PHE B 320 -6.53 -19.10 -4.14
N ASP B 321 -7.50 -18.95 -5.03
CA ASP B 321 -7.84 -19.99 -5.97
C ASP B 321 -6.71 -20.19 -6.95
N ARG B 322 -6.11 -19.10 -7.43
CA ARG B 322 -4.98 -19.23 -8.32
C ARG B 322 -3.82 -19.89 -7.59
N SER B 323 -3.66 -19.53 -6.31
CA SER B 323 -2.61 -20.13 -5.51
C SER B 323 -2.80 -21.64 -5.32
N LYS B 324 -4.03 -22.09 -5.04
CA LYS B 324 -4.32 -23.50 -4.82
C LYS B 324 -4.15 -24.26 -6.11
N ASN B 325 -4.58 -23.65 -7.22
CA ASN B 325 -4.39 -24.19 -8.56
C ASN B 325 -2.95 -24.65 -8.75
N PHE B 326 -1.98 -23.78 -8.46
CA PHE B 326 -0.57 -24.15 -8.52
C PHE B 326 -0.24 -25.19 -7.45
N THR B 327 -0.54 -24.90 -6.18
CA THR B 327 -0.16 -25.79 -5.08
C THR B 327 -0.64 -27.23 -5.16
N TYR B 328 -1.88 -27.39 -5.59
CA TYR B 328 -2.50 -28.68 -5.61
C TYR B 328 -1.96 -29.56 -6.73
N ARG B 329 -1.27 -29.05 -7.76
CA ARG B 329 -0.74 -29.88 -8.84
C ARG B 329 0.40 -30.81 -8.40
N ILE B 330 1.27 -30.26 -7.55
CA ILE B 330 2.50 -30.89 -7.15
C ILE B 330 2.28 -32.31 -6.63
N THR B 331 2.86 -33.23 -7.40
CA THR B 331 2.75 -34.67 -7.20
C THR B 331 4.16 -35.25 -7.27
N ALA B 332 4.40 -36.38 -6.60
CA ALA B 332 5.73 -36.97 -6.57
C ALA B 332 6.12 -37.49 -7.95
N ALA B 333 7.41 -37.53 -8.27
CA ALA B 333 7.87 -38.03 -9.56
C ALA B 333 7.58 -39.52 -9.53
N MET B 334 7.28 -40.19 -10.66
CA MET B 334 7.07 -41.62 -10.60
C MET B 334 8.40 -42.27 -10.24
N GLY B 335 8.28 -43.23 -9.34
CA GLY B 335 9.44 -43.88 -8.77
C GLY B 335 9.61 -43.42 -7.35
N SER B 336 9.00 -42.32 -6.92
CA SER B 336 9.08 -41.90 -5.53
C SER B 336 8.39 -42.87 -4.57
N PRO B 337 8.88 -42.99 -3.33
CA PRO B 337 8.23 -43.71 -2.23
C PRO B 337 6.78 -43.34 -1.97
N LYS B 338 5.93 -44.36 -1.97
CA LYS B 338 4.52 -44.16 -1.67
C LYS B 338 4.38 -44.16 -0.15
N PRO B 339 3.40 -43.49 0.46
CA PRO B 339 3.16 -43.50 1.88
C PRO B 339 2.72 -44.86 2.36
N PRO B 340 2.96 -45.21 3.64
CA PRO B 340 2.25 -46.28 4.32
C PRO B 340 0.77 -45.99 4.13
N VAL B 341 0.02 -47.04 3.84
CA VAL B 341 -1.38 -46.89 3.49
C VAL B 341 -2.19 -46.71 4.76
N LYS B 342 -1.77 -47.38 5.83
CA LYS B 342 -2.48 -47.28 7.09
C LYS B 342 -1.65 -46.39 8.01
N PHE B 343 -2.28 -45.61 8.87
CA PHE B 343 -1.52 -44.83 9.83
C PHE B 343 -1.63 -45.47 11.21
N ASN B 344 -0.75 -45.11 12.13
CA ASN B 344 -0.85 -45.58 13.51
C ASN B 344 -1.27 -44.44 14.44
N ARG B 345 -1.19 -43.17 14.01
CA ARG B 345 -1.53 -42.05 14.89
C ARG B 345 -2.10 -40.94 14.03
N ARG B 346 -3.11 -40.21 14.52
CA ARG B 346 -3.64 -39.06 13.81
C ARG B 346 -3.91 -37.96 14.83
N ILE B 347 -3.25 -36.82 14.64
CA ILE B 347 -3.32 -35.69 15.55
C ILE B 347 -3.99 -34.54 14.80
N PHE B 348 -4.73 -33.66 15.48
CA PHE B 348 -5.44 -32.54 14.88
C PHE B 348 -4.92 -31.28 15.52
N LEU B 349 -4.40 -30.33 14.74
CA LEU B 349 -3.79 -29.14 15.27
C LEU B 349 -4.48 -27.86 14.84
N LEU B 350 -5.23 -27.26 15.75
CA LEU B 350 -5.90 -26.00 15.54
C LEU B 350 -4.95 -24.81 15.72
N ASN B 351 -4.83 -24.02 14.65
CA ASN B 351 -3.91 -22.90 14.57
C ASN B 351 -4.64 -21.63 14.93
N THR B 352 -4.47 -21.01 16.10
CA THR B 352 -5.19 -19.77 16.41
C THR B 352 -4.36 -18.55 16.83
N GLN B 353 -4.89 -17.32 16.68
CA GLN B 353 -4.18 -16.15 17.16
C GLN B 353 -4.97 -15.73 18.40
N ASN B 354 -4.32 -15.56 19.54
CA ASN B 354 -4.99 -15.32 20.80
C ASN B 354 -4.44 -14.13 21.59
N VAL B 355 -5.07 -13.78 22.69
CA VAL B 355 -4.63 -12.73 23.59
C VAL B 355 -4.44 -13.43 24.95
N ILE B 356 -3.21 -13.74 25.38
CA ILE B 356 -2.97 -14.39 26.65
C ILE B 356 -2.36 -13.33 27.58
N ASN B 357 -3.11 -12.97 28.64
CA ASN B 357 -2.71 -11.98 29.64
C ASN B 357 -2.33 -10.67 28.94
N GLY B 358 -3.22 -10.21 28.07
CA GLY B 358 -2.99 -8.99 27.30
C GLY B 358 -1.95 -9.13 26.19
N TYR B 359 -1.17 -10.22 26.11
CA TYR B 359 -0.24 -10.39 25.01
C TYR B 359 -0.85 -11.11 23.82
N VAL B 360 -0.57 -10.68 22.60
CA VAL B 360 -1.08 -11.34 21.43
C VAL B 360 -0.12 -12.50 21.14
N LYS B 361 -0.62 -13.74 21.28
CA LYS B 361 0.19 -14.92 21.07
C LYS B 361 -0.38 -15.77 19.95
N TRP B 362 0.36 -16.72 19.41
CA TRP B 362 -0.16 -17.67 18.43
C TRP B 362 -0.25 -18.96 19.21
N ALA B 363 -1.21 -19.87 18.96
CA ALA B 363 -1.33 -21.09 19.73
C ALA B 363 -1.78 -22.29 18.91
N ILE B 364 -1.43 -23.49 19.34
CA ILE B 364 -1.81 -24.72 18.66
C ILE B 364 -2.61 -25.53 19.66
N ASN B 365 -3.92 -25.75 19.46
CA ASN B 365 -4.83 -26.43 20.39
C ASN B 365 -4.73 -25.80 21.78
N ASP B 366 -4.82 -24.47 21.74
CA ASP B 366 -4.72 -23.56 22.88
C ASP B 366 -3.42 -23.48 23.69
N VAL B 367 -2.30 -24.07 23.27
CA VAL B 367 -1.06 -23.88 24.00
C VAL B 367 -0.13 -23.09 23.07
N SER B 368 0.51 -22.05 23.61
CA SER B 368 1.47 -21.22 22.89
C SER B 368 2.79 -21.74 23.39
N LEU B 369 3.71 -22.13 22.52
CA LEU B 369 4.94 -22.75 23.00
C LEU B 369 5.93 -21.75 23.64
N ALA B 370 6.37 -22.01 24.87
CA ALA B 370 7.39 -21.22 25.53
C ALA B 370 8.53 -22.20 25.65
N LEU B 371 9.69 -21.98 25.02
CA LEU B 371 10.75 -22.97 25.13
C LEU B 371 11.47 -22.86 26.46
N PRO B 372 11.73 -23.97 27.19
CA PRO B 372 12.54 -24.01 28.40
C PRO B 372 14.01 -23.66 28.19
N PRO B 373 14.75 -23.25 29.23
CA PRO B 373 16.20 -23.10 29.18
C PRO B 373 16.99 -24.41 29.17
N THR B 374 16.38 -25.59 29.45
CA THR B 374 17.07 -26.85 29.30
C THR B 374 16.78 -27.40 27.92
N PRO B 375 17.75 -27.82 27.11
CA PRO B 375 17.51 -28.43 25.81
C PRO B 375 16.77 -29.74 25.97
N TYR B 376 15.61 -29.84 25.33
CA TYR B 376 14.81 -31.04 25.34
C TYR B 376 15.56 -32.34 25.09
N LEU B 377 16.49 -32.39 24.12
CA LEU B 377 17.23 -33.62 23.83
C LEU B 377 18.04 -34.04 25.06
N GLY B 378 18.75 -33.13 25.73
CA GLY B 378 19.48 -33.46 26.94
C GLY B 378 18.54 -33.82 28.08
N ALA B 379 17.47 -33.07 28.28
CA ALA B 379 16.53 -33.38 29.36
C ALA B 379 15.95 -34.78 29.22
N MET B 380 15.56 -35.16 28.01
CA MET B 380 14.98 -36.46 27.82
C MET B 380 16.03 -37.58 27.81
N LYS B 381 17.27 -37.39 27.38
CA LYS B 381 18.25 -38.46 27.43
C LYS B 381 18.58 -38.78 28.88
N TYR B 382 18.75 -37.73 29.66
CA TYR B 382 19.11 -37.92 31.03
C TYR B 382 17.90 -38.03 31.95
N ASN B 383 16.69 -38.07 31.37
CA ASN B 383 15.44 -38.34 32.05
C ASN B 383 15.17 -37.37 33.20
N LEU B 384 15.40 -36.09 32.93
CA LEU B 384 15.18 -35.04 33.90
C LEU B 384 13.72 -34.66 33.80
N LEU B 385 12.92 -35.28 34.65
CA LEU B 385 11.46 -35.10 34.64
C LEU B 385 10.99 -33.75 35.15
N HIS B 386 11.87 -32.88 35.65
CA HIS B 386 11.38 -31.60 36.12
C HIS B 386 11.71 -30.50 35.12
N ALA B 387 12.27 -30.82 33.95
CA ALA B 387 12.69 -29.76 33.05
C ALA B 387 11.60 -29.23 32.12
N PHE B 388 10.50 -29.95 32.00
CA PHE B 388 9.41 -29.49 31.19
C PHE B 388 8.18 -30.23 31.67
N ASP B 389 7.05 -29.91 31.07
CA ASP B 389 5.79 -30.50 31.46
C ASP B 389 5.77 -31.89 30.84
N GLN B 390 5.52 -32.91 31.66
CA GLN B 390 5.45 -34.27 31.19
C GLN B 390 4.03 -34.69 30.85
N ASN B 391 3.04 -33.79 30.95
CA ASN B 391 1.66 -34.11 30.59
C ASN B 391 1.62 -34.10 29.08
N PRO B 392 1.06 -35.08 28.38
CA PRO B 392 0.91 -35.05 26.94
C PRO B 392 0.15 -33.81 26.47
N PRO B 393 0.60 -33.08 25.45
CA PRO B 393 -0.14 -31.95 24.93
C PRO B 393 -1.41 -32.36 24.15
N PRO B 394 -2.41 -31.48 24.04
CA PRO B 394 -3.70 -31.76 23.43
C PRO B 394 -3.59 -32.24 21.99
N GLU B 395 -4.10 -33.44 21.73
CA GLU B 395 -4.07 -34.00 20.39
C GLU B 395 -5.30 -33.79 19.51
N VAL B 396 -6.41 -33.25 20.06
CA VAL B 396 -7.59 -32.92 19.26
C VAL B 396 -8.13 -31.61 19.81
N PHE B 397 -8.90 -30.86 19.02
CA PHE B 397 -9.54 -29.63 19.48
C PHE B 397 -11.03 -29.92 19.61
N PRO B 398 -11.90 -29.06 20.17
CA PRO B 398 -13.34 -29.30 20.21
C PRO B 398 -13.98 -29.20 18.84
N GLU B 399 -14.59 -30.29 18.36
CA GLU B 399 -15.33 -30.31 17.09
C GLU B 399 -16.44 -29.27 17.00
N ASP B 400 -16.81 -28.67 18.13
CA ASP B 400 -17.80 -27.60 18.18
C ASP B 400 -17.12 -26.24 18.00
N TYR B 401 -15.80 -26.17 17.72
CA TYR B 401 -15.12 -24.90 17.56
C TYR B 401 -15.56 -24.28 16.24
N ASP B 402 -15.92 -22.99 16.33
CA ASP B 402 -16.29 -22.26 15.14
C ASP B 402 -15.03 -21.62 14.60
N ILE B 403 -14.57 -22.15 13.48
CA ILE B 403 -13.37 -21.62 12.88
C ILE B 403 -13.61 -20.34 12.12
N ASP B 404 -14.83 -19.81 12.09
CA ASP B 404 -15.12 -18.57 11.38
C ASP B 404 -15.28 -17.40 12.36
N THR B 405 -14.99 -17.63 13.64
CA THR B 405 -15.17 -16.57 14.62
C THR B 405 -13.84 -16.29 15.29
N PRO B 406 -13.51 -15.05 15.69
CA PRO B 406 -12.46 -14.79 16.68
C PRO B 406 -12.50 -15.74 17.88
N PRO B 407 -11.37 -16.22 18.37
CA PRO B 407 -11.25 -16.94 19.60
C PRO B 407 -11.80 -16.24 20.83
N THR B 408 -12.39 -17.00 21.76
CA THR B 408 -12.83 -16.43 23.03
C THR B 408 -11.63 -16.30 23.95
N ASN B 409 -10.59 -17.12 23.75
CA ASN B 409 -9.36 -17.15 24.54
C ASN B 409 -9.52 -17.75 25.92
N GLU B 410 -10.73 -18.14 26.31
CA GLU B 410 -11.05 -18.71 27.62
C GLU B 410 -10.00 -19.57 28.31
N LYS B 411 -9.52 -20.62 27.63
CA LYS B 411 -8.60 -21.58 28.23
C LYS B 411 -7.20 -21.60 27.60
N THR B 412 -6.90 -20.59 26.77
CA THR B 412 -5.65 -20.52 26.03
C THR B 412 -4.48 -20.29 26.98
N ARG B 413 -3.47 -21.16 27.00
CA ARG B 413 -2.36 -20.99 27.92
C ARG B 413 -1.00 -21.09 27.27
N ILE B 414 0.04 -20.79 28.03
CA ILE B 414 1.40 -20.98 27.53
C ILE B 414 1.88 -22.28 28.17
N GLY B 415 2.70 -23.05 27.44
CA GLY B 415 3.17 -24.34 27.91
C GLY B 415 4.33 -24.83 27.08
N ASN B 416 4.89 -25.96 27.51
CA ASN B 416 6.06 -26.52 26.87
C ASN B 416 6.11 -28.05 26.84
N GLY B 417 4.94 -28.71 26.78
CA GLY B 417 4.87 -30.16 26.67
C GLY B 417 5.38 -30.65 25.32
N VAL B 418 5.58 -31.96 25.21
CA VAL B 418 6.12 -32.59 24.02
C VAL B 418 5.26 -33.78 23.58
N TYR B 419 5.01 -33.90 22.27
CA TYR B 419 4.25 -35.02 21.70
C TYR B 419 5.29 -36.13 21.55
N GLN B 420 5.08 -37.32 22.10
CA GLN B 420 6.08 -38.36 21.94
C GLN B 420 5.58 -39.44 21.02
N PHE B 421 6.43 -39.94 20.13
CA PHE B 421 6.08 -41.01 19.21
C PHE B 421 6.94 -42.24 19.44
N LYS B 422 6.43 -43.41 19.04
CA LYS B 422 7.17 -44.65 19.18
C LYS B 422 7.88 -44.78 17.86
N ILE B 423 9.12 -45.21 18.00
CA ILE B 423 10.02 -45.39 16.89
C ILE B 423 9.43 -46.39 15.87
N GLY B 424 8.84 -45.85 14.81
CA GLY B 424 8.23 -46.64 13.76
C GLY B 424 6.79 -46.22 13.45
N GLU B 425 6.09 -45.48 14.34
CA GLU B 425 4.73 -45.04 14.08
C GLU B 425 4.55 -44.23 12.81
N VAL B 426 3.52 -44.52 12.05
CA VAL B 426 3.19 -43.74 10.88
C VAL B 426 2.23 -42.68 11.42
N VAL B 427 2.67 -41.41 11.44
CA VAL B 427 1.88 -40.33 12.03
C VAL B 427 1.23 -39.44 10.97
N ASP B 428 -0.07 -39.17 11.18
CA ASP B 428 -0.88 -38.28 10.36
C ASP B 428 -1.11 -36.97 11.09
N VAL B 429 -0.98 -35.82 10.45
CA VAL B 429 -1.20 -34.57 11.16
C VAL B 429 -2.20 -33.77 10.35
N ILE B 430 -3.31 -33.28 10.91
CA ILE B 430 -4.19 -32.42 10.13
C ILE B 430 -4.04 -31.05 10.74
N LEU B 431 -3.55 -30.13 9.94
CA LEU B 431 -3.34 -28.76 10.39
C LEU B 431 -4.63 -28.07 10.00
N GLN B 432 -5.30 -27.45 10.96
CA GLN B 432 -6.57 -26.78 10.75
C GLN B 432 -6.39 -25.30 10.99
N ASN B 433 -6.72 -24.48 9.99
CA ASN B 433 -6.67 -23.04 10.15
C ASN B 433 -7.99 -22.50 10.73
N ALA B 434 -8.04 -21.26 11.21
CA ALA B 434 -9.23 -20.70 11.84
C ALA B 434 -9.17 -19.19 11.72
N ASN B 435 -10.20 -18.49 12.21
CA ASN B 435 -10.24 -17.03 12.10
C ASN B 435 -9.34 -16.52 13.21
N MET B 436 -8.59 -15.47 12.91
CA MET B 436 -7.65 -14.81 13.83
C MET B 436 -8.40 -13.89 14.80
N MET B 437 -7.72 -13.00 15.53
CA MET B 437 -8.43 -12.11 16.45
C MET B 437 -9.30 -11.11 15.70
N LYS B 438 -8.81 -10.60 14.58
CA LYS B 438 -9.58 -9.64 13.79
C LYS B 438 -10.76 -10.37 13.15
N GLU B 439 -11.95 -9.77 13.14
CA GLU B 439 -13.07 -10.40 12.45
C GLU B 439 -12.77 -10.61 10.98
N ASN B 440 -13.08 -11.80 10.47
CA ASN B 440 -12.98 -12.15 9.06
C ASN B 440 -11.58 -12.16 8.48
N LEU B 441 -10.63 -12.66 9.27
CA LEU B 441 -9.27 -12.79 8.76
C LEU B 441 -8.71 -14.16 9.12
N SER B 442 -8.12 -14.86 8.15
CA SER B 442 -7.38 -16.07 8.36
C SER B 442 -6.19 -15.87 7.42
N GLU B 443 -4.98 -16.33 7.72
CA GLU B 443 -3.83 -16.10 6.87
C GLU B 443 -3.21 -17.43 6.44
N THR B 444 -2.20 -17.44 5.57
CA THR B 444 -1.55 -18.67 5.16
C THR B 444 -0.46 -18.98 6.17
N HIS B 445 -0.18 -20.22 6.57
CA HIS B 445 0.92 -20.48 7.48
C HIS B 445 1.74 -21.61 6.90
N PRO B 446 2.98 -21.36 6.49
CA PRO B 446 3.95 -22.37 6.17
C PRO B 446 4.44 -23.17 7.36
N TRP B 447 4.17 -24.47 7.41
CA TRP B 447 4.65 -25.35 8.45
C TRP B 447 5.80 -26.23 7.99
N HIS B 448 6.86 -26.29 8.80
CA HIS B 448 8.08 -26.99 8.46
C HIS B 448 8.38 -28.06 9.49
N LEU B 449 8.75 -29.28 9.08
CA LEU B 449 9.07 -30.34 10.03
C LEU B 449 10.55 -30.56 9.93
N HIS B 450 11.16 -30.57 11.11
CA HIS B 450 12.56 -30.86 11.24
C HIS B 450 12.84 -32.37 11.30
N GLY B 451 14.03 -32.77 10.84
CA GLY B 451 14.51 -34.14 10.84
C GLY B 451 13.68 -35.17 10.06
N HIS B 452 12.86 -34.75 9.10
CA HIS B 452 11.97 -35.65 8.36
C HIS B 452 11.50 -34.97 7.06
N ASP B 453 10.99 -35.78 6.14
CA ASP B 453 10.22 -35.26 5.03
C ASP B 453 8.88 -35.99 5.18
N PHE B 454 7.78 -35.39 4.82
CA PHE B 454 6.46 -35.99 4.96
C PHE B 454 5.80 -36.01 3.60
N TRP B 455 4.77 -36.82 3.43
CA TRP B 455 4.03 -36.85 2.19
C TRP B 455 2.87 -35.90 2.40
N VAL B 456 2.56 -35.00 1.47
CA VAL B 456 1.41 -34.12 1.59
C VAL B 456 0.23 -34.96 1.08
N LEU B 457 -0.66 -35.42 1.97
CA LEU B 457 -1.80 -36.23 1.58
C LEU B 457 -2.90 -35.40 0.97
N GLY B 458 -3.08 -34.14 1.36
CA GLY B 458 -4.08 -33.33 0.71
C GLY B 458 -4.37 -32.04 1.43
N TYR B 459 -5.29 -31.28 0.85
CA TYR B 459 -5.72 -29.97 1.34
C TYR B 459 -7.20 -29.86 1.07
N GLY B 460 -7.92 -29.15 1.93
CA GLY B 460 -9.33 -28.94 1.73
C GLY B 460 -9.77 -27.64 2.38
N ASP B 461 -11.02 -27.27 2.14
CA ASP B 461 -11.55 -26.02 2.67
C ASP B 461 -12.43 -26.31 3.85
N GLY B 462 -12.44 -25.35 4.78
CA GLY B 462 -13.23 -25.46 5.98
C GLY B 462 -12.64 -26.46 6.96
N LYS B 463 -13.56 -27.09 7.69
CA LYS B 463 -13.19 -27.98 8.76
C LYS B 463 -13.03 -29.38 8.21
N PHE B 464 -11.97 -30.09 8.61
CA PHE B 464 -11.77 -31.47 8.21
C PHE B 464 -12.87 -32.34 8.85
N SER B 465 -13.47 -33.29 8.12
CA SER B 465 -14.41 -34.24 8.70
C SER B 465 -13.92 -35.63 8.30
N ALA B 466 -14.32 -36.71 8.96
CA ALA B 466 -13.87 -38.06 8.61
C ALA B 466 -14.31 -38.51 7.21
N GLU B 467 -15.42 -37.93 6.76
CA GLU B 467 -15.92 -38.22 5.43
C GLU B 467 -14.99 -37.71 4.33
N GLU B 468 -13.96 -36.95 4.70
CA GLU B 468 -13.00 -36.41 3.77
C GLU B 468 -11.98 -37.43 3.24
N GLU B 469 -11.90 -38.62 3.87
CA GLU B 469 -10.89 -39.62 3.53
C GLU B 469 -10.69 -39.99 2.09
N SER B 470 -11.71 -40.21 1.27
CA SER B 470 -11.51 -40.60 -0.11
C SER B 470 -10.75 -39.61 -1.01
N SER B 471 -10.53 -38.36 -0.61
CA SER B 471 -9.83 -37.40 -1.45
C SER B 471 -8.32 -37.45 -1.26
N LEU B 472 -7.90 -38.02 -0.13
CA LEU B 472 -6.50 -38.09 0.25
C LEU B 472 -5.71 -38.96 -0.72
N ASN B 473 -4.73 -38.28 -1.26
CA ASN B 473 -3.81 -38.83 -2.22
C ASN B 473 -2.77 -39.79 -1.65
N LEU B 474 -3.14 -41.07 -1.53
CA LEU B 474 -2.20 -42.12 -1.12
C LEU B 474 -1.43 -42.71 -2.29
N LYS B 475 -1.72 -42.24 -3.51
CA LYS B 475 -1.17 -42.78 -4.73
C LYS B 475 0.12 -42.05 -5.16
N ASN B 476 0.01 -40.74 -5.29
CA ASN B 476 1.08 -39.89 -5.79
C ASN B 476 1.63 -38.79 -4.87
N PRO B 477 1.51 -38.73 -3.52
CA PRO B 477 1.69 -37.51 -2.73
C PRO B 477 3.12 -36.98 -2.70
N PRO B 478 3.39 -35.68 -2.80
CA PRO B 478 4.75 -35.15 -2.81
C PRO B 478 5.45 -35.32 -1.48
N LEU B 479 6.77 -35.52 -1.54
CA LEU B 479 7.62 -35.60 -0.34
C LEU B 479 8.21 -34.22 -0.06
N ARG B 480 7.79 -33.58 1.03
CA ARG B 480 8.22 -32.21 1.34
C ARG B 480 8.66 -31.99 2.78
N ASN B 481 9.29 -30.85 3.07
CA ASN B 481 9.60 -30.51 4.47
C ASN B 481 8.83 -29.28 4.94
N THR B 482 8.26 -28.48 4.03
CA THR B 482 7.41 -27.33 4.34
C THR B 482 6.09 -27.47 3.57
N VAL B 483 4.97 -27.08 4.15
CA VAL B 483 3.65 -27.16 3.52
C VAL B 483 2.80 -25.98 4.04
N VAL B 484 2.05 -25.26 3.20
CA VAL B 484 1.18 -24.19 3.67
C VAL B 484 -0.22 -24.67 3.98
N ILE B 485 -0.88 -24.01 4.94
CA ILE B 485 -2.32 -24.13 5.11
C ILE B 485 -2.86 -22.85 4.50
N PHE B 486 -3.96 -22.90 3.78
CA PHE B 486 -4.60 -21.72 3.19
C PHE B 486 -5.62 -21.14 4.18
N PRO B 487 -6.08 -19.88 4.08
CA PRO B 487 -7.15 -19.31 4.89
C PRO B 487 -8.35 -20.24 4.99
N TYR B 488 -8.76 -20.49 6.24
CA TYR B 488 -9.92 -21.30 6.56
C TYR B 488 -9.86 -22.73 6.02
N GLY B 489 -8.72 -23.40 6.03
CA GLY B 489 -8.67 -24.75 5.49
C GLY B 489 -7.78 -25.66 6.31
N TRP B 490 -7.75 -26.90 5.87
CA TRP B 490 -6.92 -27.88 6.51
C TRP B 490 -5.92 -28.35 5.48
N THR B 491 -4.84 -28.95 5.95
CA THR B 491 -3.87 -29.64 5.12
C THR B 491 -3.54 -30.89 5.92
N ALA B 492 -3.44 -32.08 5.31
CA ALA B 492 -3.07 -33.27 6.08
C ALA B 492 -1.78 -33.86 5.52
N ILE B 493 -0.89 -34.30 6.39
CA ILE B 493 0.40 -34.82 6.00
C ILE B 493 0.64 -36.11 6.77
N ARG B 494 1.58 -36.90 6.29
CA ARG B 494 1.94 -38.17 6.92
C ARG B 494 3.46 -38.33 6.89
N PHE B 495 4.09 -38.88 7.93
CA PHE B 495 5.53 -39.14 8.00
C PHE B 495 5.75 -40.36 8.90
N VAL B 496 6.98 -40.87 9.04
CA VAL B 496 7.22 -42.03 9.89
C VAL B 496 8.12 -41.57 11.00
N ALA B 497 7.76 -41.88 12.23
CA ALA B 497 8.57 -41.53 13.37
C ALA B 497 9.76 -42.48 13.44
N ASP B 498 10.77 -42.28 12.59
CA ASP B 498 11.90 -43.21 12.58
C ASP B 498 13.30 -42.65 12.82
N ASN B 499 13.39 -41.44 13.35
CA ASN B 499 14.68 -40.78 13.50
C ASN B 499 14.81 -40.33 14.95
N PRO B 500 15.60 -40.97 15.83
CA PRO B 500 15.68 -40.66 17.25
C PRO B 500 16.06 -39.21 17.52
N GLY B 501 15.20 -38.48 18.22
CA GLY B 501 15.49 -37.11 18.54
C GLY B 501 14.24 -36.36 18.92
N VAL B 502 14.49 -35.07 19.19
CA VAL B 502 13.47 -34.10 19.53
C VAL B 502 13.54 -33.12 18.37
N TRP B 503 12.40 -32.89 17.73
CA TRP B 503 12.33 -32.18 16.47
C TRP B 503 11.27 -31.15 16.55
N ALA B 504 11.56 -29.97 16.00
CA ALA B 504 10.56 -28.92 15.99
C ALA B 504 9.69 -29.05 14.75
N PHE B 505 8.46 -28.65 14.92
CA PHE B 505 7.50 -28.62 13.83
C PHE B 505 6.80 -27.30 14.09
N HIS B 506 7.04 -26.31 13.23
CA HIS B 506 6.60 -24.95 13.53
C HIS B 506 6.17 -24.15 12.30
N CYS B 507 5.64 -22.95 12.54
CA CYS B 507 5.33 -22.04 11.48
C CYS B 507 6.63 -21.34 11.07
N HIS B 508 7.01 -21.41 9.80
CA HIS B 508 8.22 -20.82 9.26
C HIS B 508 8.13 -19.31 9.03
N ILE B 509 7.15 -18.62 9.60
CA ILE B 509 7.11 -17.18 9.53
C ILE B 509 7.65 -16.87 10.93
N GLU B 510 8.82 -16.25 10.90
CA GLU B 510 9.63 -15.98 12.06
C GLU B 510 8.92 -15.23 13.17
N PRO B 511 8.17 -14.11 12.99
CA PRO B 511 7.36 -13.52 14.07
C PRO B 511 6.34 -14.44 14.75
N HIS B 512 5.69 -15.34 14.02
CA HIS B 512 4.72 -16.26 14.58
C HIS B 512 5.46 -17.28 15.44
N LEU B 513 6.62 -17.76 14.98
CA LEU B 513 7.43 -18.66 15.78
C LEU B 513 7.86 -17.93 17.07
N HIS B 514 8.25 -16.64 17.01
CA HIS B 514 8.56 -15.85 18.21
C HIS B 514 7.35 -15.76 19.14
N MET B 515 6.13 -15.81 18.60
CA MET B 515 4.88 -15.69 19.34
C MET B 515 4.26 -17.01 19.74
N GLY B 516 4.98 -18.11 19.68
CA GLY B 516 4.49 -19.39 20.20
C GLY B 516 3.97 -20.37 19.18
N MET B 517 3.92 -20.03 17.88
CA MET B 517 3.34 -20.94 16.91
C MET B 517 4.29 -22.01 16.43
N GLY B 518 4.25 -23.11 17.17
CA GLY B 518 5.06 -24.27 16.87
C GLY B 518 4.84 -25.30 17.95
N VAL B 519 5.21 -26.55 17.69
CA VAL B 519 5.09 -27.65 18.63
C VAL B 519 6.38 -28.43 18.56
N VAL B 520 6.58 -29.33 19.52
CA VAL B 520 7.77 -30.16 19.59
C VAL B 520 7.39 -31.66 19.54
N PHE B 521 8.08 -32.41 18.71
CA PHE B 521 7.90 -33.85 18.55
C PHE B 521 9.13 -34.57 19.08
N ALA B 522 9.07 -35.64 19.88
CA ALA B 522 10.25 -36.41 20.25
C ALA B 522 9.94 -37.88 19.95
N GLU B 523 10.89 -38.68 19.46
CA GLU B 523 10.69 -40.11 19.21
C GLU B 523 12.00 -40.83 19.39
N GLY B 524 11.95 -42.05 19.92
CA GLY B 524 13.12 -42.89 20.13
C GLY B 524 14.29 -42.23 20.82
N VAL B 525 14.04 -41.30 21.76
CA VAL B 525 15.10 -40.60 22.47
C VAL B 525 16.08 -41.56 23.16
N GLU B 526 15.64 -42.73 23.63
CA GLU B 526 16.53 -43.69 24.26
C GLU B 526 17.46 -44.41 23.27
N LYS B 527 17.48 -44.02 22.00
CA LYS B 527 18.39 -44.60 21.05
C LYS B 527 19.42 -43.57 20.62
N VAL B 528 19.38 -42.35 21.19
CA VAL B 528 20.32 -41.27 20.87
C VAL B 528 21.64 -41.63 21.56
N GLY B 529 22.74 -41.48 20.82
CA GLY B 529 24.04 -41.75 21.37
C GLY B 529 24.55 -40.60 22.23
N ARG B 530 25.85 -40.36 22.16
CA ARG B 530 26.48 -39.34 22.96
C ARG B 530 26.26 -37.94 22.38
N ILE B 531 25.77 -37.03 23.21
CA ILE B 531 25.55 -35.66 22.79
C ILE B 531 26.84 -34.89 23.12
N PRO B 532 27.39 -33.98 22.30
CA PRO B 532 28.48 -33.07 22.66
C PRO B 532 28.25 -32.31 23.93
N THR B 533 29.26 -32.28 24.78
CA THR B 533 29.18 -31.60 26.06
C THR B 533 28.71 -30.16 25.96
N LYS B 534 29.11 -29.36 24.96
CA LYS B 534 28.66 -27.98 24.87
C LYS B 534 27.17 -27.87 24.65
N ALA B 535 26.58 -28.87 24.00
CA ALA B 535 25.15 -28.92 23.77
C ALA B 535 24.35 -29.27 25.03
N LEU B 536 25.02 -29.83 26.04
CA LEU B 536 24.43 -30.20 27.32
C LEU B 536 24.60 -29.14 28.40
N ALA B 537 25.66 -28.34 28.23
CA ALA B 537 26.14 -27.38 29.21
C ALA B 537 25.29 -26.20 29.64
N CYS B 538 23.99 -26.34 29.82
CA CYS B 538 23.18 -25.23 30.29
C CYS B 538 22.00 -25.84 31.01
N GLY B 539 21.24 -24.99 31.70
CA GLY B 539 20.03 -25.38 32.38
C GLY B 539 20.19 -26.55 33.34
N GLY B 540 19.11 -27.36 33.36
CA GLY B 540 18.96 -28.55 34.19
C GLY B 540 20.02 -29.59 33.88
N THR B 541 20.44 -29.75 32.62
CA THR B 541 21.48 -30.71 32.28
C THR B 541 22.84 -30.38 32.85
N ALA B 542 23.21 -29.08 32.91
CA ALA B 542 24.44 -28.64 33.53
C ALA B 542 24.35 -28.90 35.03
N LYS B 543 23.26 -28.46 35.65
CA LYS B 543 23.03 -28.67 37.07
C LYS B 543 23.15 -30.15 37.44
N SER B 544 22.64 -31.05 36.61
CA SER B 544 22.63 -32.44 36.98
C SER B 544 23.80 -33.26 36.46
N LEU B 545 24.75 -32.65 35.78
CA LEU B 545 25.89 -33.39 35.28
C LEU B 545 27.21 -32.87 35.81
N ILE B 546 27.24 -31.61 36.28
CA ILE B 546 28.41 -31.07 36.92
C ILE B 546 28.35 -31.59 38.35
N ASN B 547 29.36 -32.37 38.71
CA ASN B 547 29.49 -32.88 40.07
C ASN B 547 30.04 -31.72 40.89
N ASN B 548 29.21 -31.11 41.73
CA ASN B 548 29.67 -30.01 42.56
C ASN B 548 28.99 -30.07 43.93
N PRO B 549 29.32 -31.04 44.80
CA PRO B 549 28.72 -31.14 46.13
C PRO B 549 29.18 -30.03 47.08
N LYS B 550 28.52 -29.99 48.22
CA LYS B 550 28.77 -29.00 49.24
C LYS B 550 29.11 -29.70 50.55
N ASN B 551 30.17 -29.23 51.22
CA ASN B 551 30.77 -29.65 52.51
C ASN B 551 31.61 -30.94 52.49
N PRO B 552 31.95 -31.48 51.31
CA PRO B 552 33.01 -31.02 50.41
C PRO B 552 33.07 -29.52 50.08
C1 NAG C . -13.83 47.46 -1.58
C2 NAG C . -13.69 48.68 -2.42
C3 NAG C . -13.01 49.76 -1.57
C4 NAG C . -13.76 49.97 -0.28
C5 NAG C . -13.88 48.68 0.49
C6 NAG C . -14.75 48.83 1.76
C7 NAG C . -13.53 47.95 -4.71
C8 NAG C . -12.63 47.61 -5.89
N2 NAG C . -12.96 48.43 -3.62
O3 NAG C . -12.88 50.94 -2.32
O4 NAG C . -13.07 50.92 0.50
O5 NAG C . -14.55 47.69 -0.36
O6 NAG C . -16.09 49.12 1.42
O7 NAG C . -14.75 47.80 -4.76
CU CU D . -6.02 16.01 -13.58
CU CU E . -2.90 -1.92 -1.77
CU2 C2O F . -9.65 26.97 -9.64
CU3 C2O F . -11.18 25.41 -6.68
O1 C2O F . -9.70 25.74 -8.07
CU4 C1O G . -13.04 28.05 -8.38
O3 C1O G . -14.77 29.04 -8.79
C1 NAG H . 33.24 -33.34 14.54
C2 NAG H . 33.66 -34.07 15.79
C3 NAG H . 35.06 -33.54 16.16
C4 NAG H . 36.01 -33.75 14.99
C5 NAG H . 35.50 -33.04 13.75
C6 NAG H . 36.39 -33.30 12.53
C7 NAG H . 31.60 -34.60 16.97
C8 NAG H . 30.67 -34.27 18.10
N2 NAG H . 32.74 -33.91 16.88
O3 NAG H . 35.55 -34.13 17.33
O4 NAG H . 37.30 -33.28 15.35
O5 NAG H . 34.15 -33.52 13.44
O6 NAG H . 36.37 -34.67 12.16
O7 NAG H . 31.34 -35.48 16.15
CU CU I . 2.27 -18.67 10.99
CU2 C2O J . 12.88 -24.61 11.96
CU3 C2O J . 13.72 -23.41 8.52
O1 C2O J . 13.17 -23.35 10.44
CU4 C1O K . 14.49 -26.95 9.28
O3 C1O K . 14.83 -28.87 8.74
#